data_8G62
#
_entry.id   8G62
#
_cell.length_a   170.020
_cell.length_b   170.020
_cell.length_c   97.588
_cell.angle_alpha   90.00
_cell.angle_beta   90.00
_cell.angle_gamma   90.00
#
_symmetry.space_group_name_H-M   'P 41 21 2'
#
loop_
_entity.id
_entity.type
_entity.pdbx_description
1 polymer 'Non-structural protein 3'
2 non-polymer 'ZINC ION'
3 non-polymer 3-methoxy-5-(1-methylpiperidin-4-yl)-N-[4-(pyrrolidine-1-sulfonyl)phenyl]benzamide
4 non-polymer 'SODIUM ION'
5 non-polymer 'CHLORIDE ION'
6 non-polymer 'ACETATE ION'
7 water water
#
_entity_poly.entity_id   1
_entity_poly.type   'polypeptide(L)'
_entity_poly.pdbx_seq_one_letter_code
;SNAEVRTIKVFTTVDNINLHTQVVDMSMTYGQQFGPTYLDGADVTKIKPHNSHEGKTFYVLPNDDTLRVEAFEYYHTTDP
SFLGRYMSALNHTKKWKYPQVNGLTSIKWADNNCYLATALLTLQQIELKFNPPALQDAYYRARAGEAANFCALILAYCNK
TVGELGDVRETMSYLFQHANLDSCKRVLNVVCKTCGQQQTTLKGVEAVMYMGTLSYEQFKKGVQIPCTCGKQATKYLVQQ
ESPFVMMSAPPAQYELKHGTFTCASEYTGNYQCGHYKHITSKETLYCIDGALLTKSSEYKGPITDVFYKENSYTTTIK
;
_entity_poly.pdbx_strand_id   A,B,C
#
# COMPACT_ATOMS: atom_id res chain seq x y z
N ALA A 3 -14.75 -19.85 -43.40
CA ALA A 3 -15.65 -18.79 -43.98
C ALA A 3 -16.63 -18.32 -42.89
N GLU A 4 -17.47 -19.19 -42.32
CA GLU A 4 -18.45 -18.82 -41.25
CA GLU A 4 -18.51 -18.86 -41.30
C GLU A 4 -18.40 -19.88 -40.15
N VAL A 5 -19.19 -19.68 -39.09
CA VAL A 5 -19.13 -20.51 -37.85
C VAL A 5 -20.52 -20.67 -37.22
N ARG A 6 -20.70 -21.78 -36.52
CA ARG A 6 -21.83 -21.98 -35.62
C ARG A 6 -21.57 -21.14 -34.37
N THR A 7 -22.63 -20.58 -33.81
CA THR A 7 -22.57 -19.76 -32.59
C THR A 7 -23.57 -20.33 -31.59
N ILE A 8 -23.37 -19.97 -30.35
CA ILE A 8 -24.35 -20.12 -29.25
C ILE A 8 -24.40 -18.78 -28.52
N LYS A 9 -25.44 -18.61 -27.73
CA LYS A 9 -25.61 -17.46 -26.82
C LYS A 9 -25.22 -17.89 -25.42
N VAL A 10 -24.43 -17.04 -24.77
CA VAL A 10 -24.05 -17.10 -23.33
C VAL A 10 -24.37 -15.74 -22.73
N PHE A 11 -24.30 -15.65 -21.41
CA PHE A 11 -24.31 -14.36 -20.69
C PHE A 11 -22.90 -14.10 -20.14
N THR A 12 -22.47 -12.85 -20.18
CA THR A 12 -21.27 -12.42 -19.42
C THR A 12 -21.75 -11.51 -18.29
N THR A 13 -20.94 -11.44 -17.24
CA THR A 13 -21.29 -10.63 -16.07
C THR A 13 -20.00 -10.26 -15.36
N VAL A 14 -20.04 -9.22 -14.54
CA VAL A 14 -19.07 -9.01 -13.45
C VAL A 14 -19.77 -9.14 -12.09
N ASP A 15 -21.10 -9.10 -12.04
CA ASP A 15 -21.81 -9.01 -10.72
C ASP A 15 -22.81 -10.16 -10.49
N ASN A 16 -23.03 -11.00 -11.49
CA ASN A 16 -24.05 -12.07 -11.48
C ASN A 16 -25.42 -11.50 -11.11
N ILE A 17 -25.66 -10.23 -11.42
CA ILE A 17 -26.99 -9.59 -11.38
C ILE A 17 -27.33 -9.08 -12.78
N ASN A 18 -26.45 -8.29 -13.41
CA ASN A 18 -26.63 -7.89 -14.82
C ASN A 18 -26.00 -8.96 -15.72
N LEU A 19 -26.80 -9.60 -16.56
CA LEU A 19 -26.36 -10.70 -17.45
C LEU A 19 -26.40 -10.15 -18.88
N HIS A 20 -25.25 -10.05 -19.53
CA HIS A 20 -25.09 -9.46 -20.88
C HIS A 20 -25.01 -10.57 -21.93
N THR A 21 -26.01 -10.64 -22.80
CA THR A 21 -26.10 -11.61 -23.93
C THR A 21 -24.91 -11.35 -24.87
N GLN A 22 -24.22 -12.42 -25.24
CA GLN A 22 -23.13 -12.49 -26.24
C GLN A 22 -23.40 -13.70 -27.14
N VAL A 23 -23.29 -13.50 -28.44
CA VAL A 23 -23.18 -14.55 -29.49
C VAL A 23 -21.70 -14.89 -29.56
N VAL A 24 -21.31 -16.13 -29.27
CA VAL A 24 -19.90 -16.54 -29.28
C VAL A 24 -19.66 -17.46 -30.48
N ASP A 25 -18.46 -17.33 -31.02
CA ASP A 25 -17.91 -18.11 -32.16
C ASP A 25 -17.37 -19.43 -31.58
N MET A 26 -17.89 -20.58 -31.99
CA MET A 26 -17.52 -21.89 -31.40
C MET A 26 -16.17 -22.36 -31.95
N SER A 27 -15.60 -21.67 -32.94
CA SER A 27 -14.23 -21.96 -33.47
C SER A 27 -13.16 -21.23 -32.65
N MET A 28 -13.53 -20.28 -31.80
CA MET A 28 -12.57 -19.46 -31.02
C MET A 28 -12.68 -19.79 -29.53
N THR A 29 -11.60 -19.68 -28.77
CA THR A 29 -11.65 -19.80 -27.28
C THR A 29 -12.42 -18.61 -26.69
N TYR A 30 -12.90 -18.74 -25.47
CA TYR A 30 -13.46 -17.61 -24.69
C TYR A 30 -12.42 -16.49 -24.62
N GLY A 31 -11.16 -16.83 -24.33
CA GLY A 31 -10.03 -15.89 -24.20
C GLY A 31 -9.90 -14.97 -25.42
N GLN A 32 -9.98 -15.54 -26.60
CA GLN A 32 -9.86 -14.79 -27.88
C GLN A 32 -11.04 -13.84 -28.05
N GLN A 33 -12.19 -14.10 -27.42
CA GLN A 33 -13.43 -13.30 -27.62
C GLN A 33 -13.63 -12.31 -26.46
N PHE A 34 -13.34 -12.68 -25.22
CA PHE A 34 -13.71 -11.90 -24.01
C PHE A 34 -12.48 -11.47 -23.18
N GLY A 35 -11.29 -11.99 -23.45
CA GLY A 35 -10.18 -11.98 -22.48
C GLY A 35 -10.41 -13.02 -21.40
N PRO A 36 -9.77 -12.89 -20.22
CA PRO A 36 -9.97 -13.82 -19.10
C PRO A 36 -11.46 -14.07 -18.82
N THR A 37 -11.84 -15.34 -18.84
CA THR A 37 -13.25 -15.80 -18.74
C THR A 37 -13.35 -16.92 -17.71
N TYR A 38 -14.37 -16.89 -16.85
CA TYR A 38 -14.57 -17.88 -15.76
C TYR A 38 -15.99 -18.41 -15.77
N LEU A 39 -16.12 -19.72 -15.58
CA LEU A 39 -17.41 -20.43 -15.37
C LEU A 39 -17.35 -21.01 -13.97
N ASP A 40 -18.15 -20.41 -13.07
CA ASP A 40 -18.14 -20.55 -11.59
CA ASP A 40 -18.15 -20.62 -11.60
C ASP A 40 -16.73 -20.89 -11.05
N GLY A 41 -15.82 -19.93 -11.19
CA GLY A 41 -14.46 -20.01 -10.60
C GLY A 41 -13.42 -20.60 -11.53
N ALA A 42 -13.81 -21.54 -12.41
CA ALA A 42 -12.88 -22.24 -13.31
C ALA A 42 -12.51 -21.30 -14.47
N ASP A 43 -11.23 -21.24 -14.80
CA ASP A 43 -10.68 -20.40 -15.88
C ASP A 43 -10.92 -21.14 -17.21
N VAL A 44 -11.85 -20.67 -18.02
CA VAL A 44 -12.21 -21.30 -19.32
C VAL A 44 -11.65 -20.46 -20.47
N THR A 45 -10.68 -19.60 -20.16
CA THR A 45 -9.99 -18.72 -21.11
C THR A 45 -9.49 -19.55 -22.30
N LYS A 46 -9.00 -20.77 -22.10
CA LYS A 46 -8.37 -21.55 -23.21
C LYS A 46 -9.33 -22.64 -23.72
N ILE A 47 -10.59 -22.60 -23.33
CA ILE A 47 -11.66 -23.55 -23.75
C ILE A 47 -12.46 -22.90 -24.88
N LYS A 48 -12.92 -23.69 -25.84
CA LYS A 48 -13.89 -23.23 -26.89
C LYS A 48 -15.33 -23.43 -26.39
N PRO A 49 -16.31 -22.63 -26.88
CA PRO A 49 -17.71 -22.83 -26.54
C PRO A 49 -18.19 -24.23 -26.95
N HIS A 50 -18.96 -24.89 -26.09
CA HIS A 50 -19.59 -26.21 -26.35
C HIS A 50 -21.11 -26.04 -26.24
N ASN A 51 -21.89 -26.94 -26.83
CA ASN A 51 -23.37 -26.85 -26.81
C ASN A 51 -23.84 -26.64 -25.37
N SER A 52 -23.21 -27.30 -24.39
CA SER A 52 -23.68 -27.30 -22.98
C SER A 52 -23.45 -25.94 -22.32
N HIS A 53 -22.70 -25.04 -22.94
CA HIS A 53 -22.50 -23.66 -22.43
C HIS A 53 -23.70 -22.78 -22.74
N GLU A 54 -24.59 -23.15 -23.65
CA GLU A 54 -25.64 -22.23 -24.12
C GLU A 54 -26.45 -21.70 -22.93
N GLY A 55 -26.66 -20.38 -22.79
CA GLY A 55 -27.48 -19.83 -21.70
C GLY A 55 -26.77 -19.79 -20.36
N LYS A 56 -25.55 -20.28 -20.25
CA LYS A 56 -24.81 -20.17 -18.97
C LYS A 56 -24.24 -18.76 -18.78
N THR A 57 -23.94 -18.44 -17.52
CA THR A 57 -23.33 -17.18 -17.07
C THR A 57 -21.82 -17.35 -16.85
N PHE A 58 -21.02 -16.53 -17.53
CA PHE A 58 -19.55 -16.50 -17.44
C PHE A 58 -19.15 -15.14 -16.86
N TYR A 59 -18.17 -15.13 -15.97
CA TYR A 59 -17.56 -13.90 -15.45
C TYR A 59 -16.46 -13.47 -16.42
N VAL A 60 -16.35 -12.17 -16.65
CA VAL A 60 -15.29 -11.52 -17.47
C VAL A 60 -14.73 -10.34 -16.66
N LEU A 61 -13.68 -9.71 -17.15
CA LEU A 61 -13.09 -8.57 -16.41
C LEU A 61 -13.80 -7.30 -16.89
N PRO A 62 -13.94 -6.30 -16.01
CA PRO A 62 -14.61 -5.05 -16.41
C PRO A 62 -13.69 -4.26 -17.34
N ASN A 63 -13.84 -4.43 -18.66
CA ASN A 63 -12.99 -3.74 -19.68
C ASN A 63 -13.83 -2.73 -20.50
N ASP A 64 -15.03 -2.36 -20.04
CA ASP A 64 -15.87 -1.29 -20.63
C ASP A 64 -16.64 -0.57 -19.51
N ASP A 65 -17.24 0.59 -19.82
CA ASP A 65 -17.89 1.54 -18.88
C ASP A 65 -19.05 0.83 -18.15
N THR A 66 -19.85 0.05 -18.87
CA THR A 66 -21.01 -0.70 -18.31
C THR A 66 -20.49 -1.66 -17.25
N LEU A 67 -19.49 -2.47 -17.57
CA LEU A 67 -18.95 -3.47 -16.62
C LEU A 67 -18.22 -2.73 -15.48
N ARG A 68 -17.51 -1.65 -15.75
CA ARG A 68 -16.78 -0.96 -14.63
C ARG A 68 -17.79 -0.45 -13.59
N VAL A 69 -18.88 0.15 -14.04
CA VAL A 69 -19.94 0.72 -13.16
C VAL A 69 -20.67 -0.41 -12.42
N GLU A 70 -21.02 -1.51 -13.09
CA GLU A 70 -21.63 -2.69 -12.42
C GLU A 70 -20.67 -3.24 -11.36
N ALA A 71 -19.37 -3.36 -11.65
CA ALA A 71 -18.38 -3.86 -10.68
C ALA A 71 -18.24 -2.87 -9.50
N PHE A 72 -18.19 -1.57 -9.79
CA PHE A 72 -18.04 -0.53 -8.74
C PHE A 72 -19.25 -0.56 -7.78
N GLU A 73 -20.45 -0.64 -8.32
CA GLU A 73 -21.71 -0.66 -7.54
C GLU A 73 -21.79 -1.95 -6.70
N TYR A 74 -21.35 -3.10 -7.22
CA TYR A 74 -21.58 -4.39 -6.52
C TYR A 74 -20.48 -4.66 -5.51
N TYR A 75 -19.22 -4.45 -5.86
CA TYR A 75 -18.03 -4.77 -5.03
C TYR A 75 -17.48 -3.54 -4.28
N HIS A 76 -17.81 -2.30 -4.71
CA HIS A 76 -17.16 -1.05 -4.22
C HIS A 76 -15.66 -1.07 -4.49
N THR A 77 -15.25 -1.57 -5.66
CA THR A 77 -13.82 -1.64 -6.06
C THR A 77 -13.69 -0.98 -7.43
N THR A 78 -12.54 -0.34 -7.67
CA THR A 78 -12.20 0.33 -8.95
C THR A 78 -11.06 -0.42 -9.65
N ASP A 79 -10.62 -1.55 -9.07
CA ASP A 79 -9.47 -2.35 -9.56
C ASP A 79 -9.98 -3.47 -10.47
N PRO A 80 -9.66 -3.45 -11.78
CA PRO A 80 -10.16 -4.47 -12.70
C PRO A 80 -9.56 -5.86 -12.43
N SER A 81 -8.45 -5.92 -11.70
CA SER A 81 -7.85 -7.23 -11.34
C SER A 81 -8.61 -7.84 -10.14
N PHE A 82 -9.53 -7.10 -9.49
CA PHE A 82 -10.36 -7.61 -8.35
C PHE A 82 -11.07 -8.90 -8.79
N LEU A 83 -11.76 -8.89 -9.92
CA LEU A 83 -12.54 -10.07 -10.39
C LEU A 83 -11.58 -11.23 -10.63
N GLY A 84 -10.41 -10.96 -11.21
CA GLY A 84 -9.37 -12.00 -11.38
C GLY A 84 -9.06 -12.66 -10.04
N ARG A 85 -8.78 -11.85 -9.02
CA ARG A 85 -8.40 -12.38 -7.69
C ARG A 85 -9.57 -13.15 -7.08
N TYR A 86 -10.77 -12.62 -7.24
CA TYR A 86 -12.00 -13.26 -6.69
C TYR A 86 -12.15 -14.63 -7.37
N MET A 87 -12.09 -14.70 -8.70
CA MET A 87 -12.42 -15.97 -9.41
C MET A 87 -11.33 -17.00 -9.11
N SER A 88 -10.07 -16.57 -9.07
CA SER A 88 -8.91 -17.44 -8.73
C SER A 88 -9.12 -18.05 -7.35
N ALA A 89 -9.47 -17.24 -6.36
CA ALA A 89 -9.70 -17.74 -4.98
C ALA A 89 -10.91 -18.69 -5.02
N LEU A 90 -11.98 -18.31 -5.72
CA LEU A 90 -13.26 -19.07 -5.75
C LEU A 90 -13.01 -20.49 -6.29
N ASN A 91 -12.12 -20.67 -7.25
CA ASN A 91 -11.83 -22.03 -7.77
C ASN A 91 -11.32 -22.95 -6.66
N HIS A 92 -10.65 -22.42 -5.63
CA HIS A 92 -10.22 -23.20 -4.44
C HIS A 92 -11.33 -23.25 -3.39
N THR A 93 -11.91 -22.10 -3.01
CA THR A 93 -12.82 -22.05 -1.84
C THR A 93 -14.05 -22.94 -2.11
N LYS A 94 -14.44 -23.09 -3.36
CA LYS A 94 -15.64 -23.91 -3.70
C LYS A 94 -15.34 -25.39 -3.37
N LYS A 95 -14.08 -25.79 -3.21
CA LYS A 95 -13.77 -27.20 -2.89
C LYS A 95 -13.53 -27.38 -1.39
N TRP A 96 -13.46 -26.30 -0.61
CA TRP A 96 -13.41 -26.39 0.86
C TRP A 96 -14.76 -26.94 1.37
N LYS A 97 -14.79 -27.51 2.57
CA LYS A 97 -16.06 -27.87 3.26
C LYS A 97 -16.37 -26.84 4.33
N TYR A 98 -17.66 -26.57 4.53
CA TYR A 98 -18.20 -25.58 5.48
C TYR A 98 -19.18 -26.31 6.40
N PRO A 99 -18.67 -27.09 7.35
CA PRO A 99 -19.53 -27.78 8.30
C PRO A 99 -20.15 -26.79 9.31
N GLN A 100 -21.39 -27.06 9.69
CA GLN A 100 -22.07 -26.44 10.86
C GLN A 100 -21.39 -27.00 12.12
N VAL A 101 -20.91 -26.13 12.99
CA VAL A 101 -20.21 -26.50 14.23
C VAL A 101 -20.78 -25.62 15.34
N ASN A 102 -21.52 -26.23 16.27
CA ASN A 102 -22.12 -25.48 17.41
C ASN A 102 -23.06 -24.40 16.85
N GLY A 103 -23.80 -24.71 15.77
CA GLY A 103 -24.78 -23.78 15.16
C GLY A 103 -24.16 -22.73 14.23
N LEU A 104 -22.85 -22.72 13.99
CA LEU A 104 -22.19 -21.69 13.14
C LEU A 104 -21.56 -22.34 11.90
N THR A 105 -21.53 -21.62 10.78
CA THR A 105 -20.73 -22.06 9.59
C THR A 105 -19.25 -21.94 9.93
N SER A 106 -18.51 -23.04 9.90
CA SER A 106 -17.04 -23.04 10.06
C SER A 106 -16.45 -23.45 8.71
N ILE A 107 -15.14 -23.68 8.67
CA ILE A 107 -14.41 -24.18 7.49
C ILE A 107 -13.51 -25.31 7.97
N LYS A 108 -13.58 -26.47 7.30
CA LYS A 108 -12.62 -27.56 7.52
C LYS A 108 -11.24 -27.10 7.07
N TRP A 109 -10.20 -27.44 7.83
CA TRP A 109 -8.84 -26.91 7.59
C TRP A 109 -8.35 -27.28 6.18
N ALA A 110 -7.82 -26.31 5.45
CA ALA A 110 -7.18 -26.47 4.14
C ALA A 110 -6.42 -25.17 3.80
N ASP A 111 -5.26 -25.23 3.14
CA ASP A 111 -4.62 -24.03 2.53
C ASP A 111 -4.45 -22.92 3.58
N ASN A 112 -4.07 -23.26 4.82
CA ASN A 112 -3.80 -22.27 5.91
C ASN A 112 -5.02 -21.37 6.15
N ASN A 113 -6.23 -21.93 6.13
CA ASN A 113 -7.46 -21.10 6.16
C ASN A 113 -7.99 -20.95 7.59
N CYS A 114 -7.21 -21.36 8.59
CA CYS A 114 -7.55 -21.24 10.03
C CYS A 114 -7.91 -19.78 10.36
N TYR A 115 -7.22 -18.77 9.80
CA TYR A 115 -7.54 -17.34 10.07
C TYR A 115 -8.93 -17.01 9.49
N LEU A 116 -9.28 -17.58 8.33
CA LEU A 116 -10.57 -17.26 7.68
C LEU A 116 -11.70 -17.92 8.49
N ALA A 117 -11.49 -19.17 8.93
CA ALA A 117 -12.46 -19.90 9.78
C ALA A 117 -12.79 -19.06 11.04
N THR A 118 -11.78 -18.58 11.75
CA THR A 118 -11.99 -17.82 13.01
C THR A 118 -12.67 -16.49 12.72
N ALA A 119 -12.33 -15.84 11.62
CA ALA A 119 -12.98 -14.58 11.20
C ALA A 119 -14.45 -14.86 10.85
N LEU A 120 -14.70 -15.91 10.05
CA LEU A 120 -16.09 -16.30 9.66
C LEU A 120 -16.93 -16.53 10.92
N LEU A 121 -16.39 -17.32 11.85
CA LEU A 121 -17.07 -17.64 13.13
C LEU A 121 -17.31 -16.33 13.88
N THR A 122 -16.33 -15.42 13.91
CA THR A 122 -16.48 -14.15 14.66
C THR A 122 -17.67 -13.36 14.07
N LEU A 123 -17.69 -13.19 12.74
CA LEU A 123 -18.69 -12.33 12.06
C LEU A 123 -20.10 -12.79 12.46
N GLN A 124 -20.33 -14.09 12.61
CA GLN A 124 -21.68 -14.67 12.87
C GLN A 124 -22.14 -14.38 14.31
N GLN A 125 -21.28 -13.78 15.15
CA GLN A 125 -21.59 -13.58 16.58
C GLN A 125 -21.52 -12.10 16.94
N ILE A 126 -21.24 -11.21 16.00
CA ILE A 126 -21.21 -9.74 16.25
C ILE A 126 -22.14 -9.08 15.25
N GLU A 127 -22.76 -7.97 15.64
CA GLU A 127 -23.67 -7.20 14.76
C GLU A 127 -22.80 -6.32 13.87
N LEU A 128 -22.75 -6.64 12.58
CA LEU A 128 -21.93 -5.95 11.58
C LEU A 128 -22.67 -6.07 10.25
N LYS A 129 -22.95 -4.96 9.57
CA LYS A 129 -23.61 -4.99 8.24
CA LYS A 129 -23.61 -4.95 8.25
C LYS A 129 -22.59 -4.44 7.23
N PHE A 130 -22.39 -5.18 6.13
CA PHE A 130 -21.44 -4.86 5.05
C PHE A 130 -22.05 -3.81 4.13
N ASN A 131 -21.25 -2.91 3.55
CA ASN A 131 -21.74 -1.89 2.60
C ASN A 131 -21.78 -2.50 1.19
N PRO A 132 -20.73 -3.16 0.67
CA PRO A 132 -20.79 -3.69 -0.70
C PRO A 132 -21.87 -4.75 -0.82
N PRO A 133 -22.83 -4.58 -1.75
CA PRO A 133 -23.80 -5.64 -2.04
C PRO A 133 -23.17 -7.03 -2.19
N ALA A 134 -21.96 -7.15 -2.76
CA ALA A 134 -21.25 -8.44 -2.91
C ALA A 134 -21.08 -9.12 -1.54
N LEU A 135 -20.66 -8.36 -0.53
CA LEU A 135 -20.41 -8.88 0.84
C LEU A 135 -21.74 -9.20 1.51
N GLN A 136 -22.76 -8.37 1.31
CA GLN A 136 -24.12 -8.63 1.84
C GLN A 136 -24.61 -9.97 1.27
N ASP A 137 -24.57 -10.14 -0.04
CA ASP A 137 -25.10 -11.36 -0.70
C ASP A 137 -24.30 -12.59 -0.26
N ALA A 138 -22.97 -12.53 -0.29
CA ALA A 138 -22.12 -13.71 0.00
C ALA A 138 -22.13 -14.03 1.50
N TYR A 139 -22.20 -13.03 2.36
CA TYR A 139 -22.31 -13.25 3.82
C TYR A 139 -23.62 -13.98 4.16
N TYR A 140 -24.70 -13.58 3.52
CA TYR A 140 -26.00 -14.25 3.75
C TYR A 140 -25.86 -15.73 3.38
N ARG A 141 -25.28 -16.03 2.21
CA ARG A 141 -25.09 -17.43 1.77
C ARG A 141 -24.18 -18.17 2.76
N ALA A 142 -23.13 -17.53 3.25
CA ALA A 142 -22.16 -18.13 4.20
C ALA A 142 -22.90 -18.56 5.49
N ARG A 143 -23.77 -17.71 6.04
CA ARG A 143 -24.58 -18.01 7.26
CA ARG A 143 -24.57 -18.02 7.26
C ARG A 143 -25.43 -19.27 7.05
N ALA A 144 -25.98 -19.46 5.85
CA ALA A 144 -26.80 -20.64 5.51
C ALA A 144 -25.89 -21.86 5.22
N GLY A 145 -24.56 -21.69 5.23
CA GLY A 145 -23.60 -22.81 5.11
C GLY A 145 -22.89 -22.89 3.78
N GLU A 146 -23.14 -21.98 2.83
CA GLU A 146 -22.43 -21.93 1.53
C GLU A 146 -21.47 -20.74 1.50
N ALA A 147 -20.30 -20.85 2.11
CA ALA A 147 -19.41 -19.71 2.41
C ALA A 147 -18.30 -19.57 1.35
N ALA A 148 -18.33 -20.32 0.26
CA ALA A 148 -17.24 -20.30 -0.74
C ALA A 148 -17.07 -18.89 -1.32
N ASN A 149 -18.16 -18.29 -1.77
CA ASN A 149 -18.12 -16.93 -2.38
C ASN A 149 -17.59 -15.93 -1.35
N PHE A 150 -18.04 -16.02 -0.10
CA PHE A 150 -17.67 -15.07 0.97
C PHE A 150 -16.17 -15.16 1.23
N CYS A 151 -15.65 -16.38 1.37
CA CYS A 151 -14.20 -16.60 1.63
C CYS A 151 -13.39 -16.09 0.45
N ALA A 152 -13.82 -16.36 -0.78
CA ALA A 152 -13.10 -15.90 -1.98
C ALA A 152 -13.10 -14.37 -1.98
N LEU A 153 -14.21 -13.73 -1.62
CA LEU A 153 -14.30 -12.24 -1.59
C LEU A 153 -13.35 -11.71 -0.51
N ILE A 154 -13.35 -12.30 0.68
CA ILE A 154 -12.41 -11.86 1.75
C ILE A 154 -10.98 -11.85 1.21
N LEU A 155 -10.55 -12.95 0.59
CA LEU A 155 -9.19 -13.05 0.03
C LEU A 155 -8.98 -11.94 -1.02
N ALA A 156 -9.93 -11.71 -1.92
CA ALA A 156 -9.78 -10.68 -2.97
C ALA A 156 -9.66 -9.30 -2.30
N TYR A 157 -10.51 -8.97 -1.33
CA TYR A 157 -10.53 -7.66 -0.64
C TYR A 157 -9.23 -7.47 0.15
N CYS A 158 -8.65 -8.51 0.73
CA CYS A 158 -7.40 -8.41 1.52
C CYS A 158 -6.17 -8.53 0.64
N ASN A 159 -6.34 -8.70 -0.67
CA ASN A 159 -5.24 -9.02 -1.61
C ASN A 159 -4.41 -10.18 -1.04
N LYS A 160 -5.04 -11.29 -0.69
CA LYS A 160 -4.36 -12.55 -0.30
C LYS A 160 -4.81 -13.70 -1.22
N THR A 161 -3.89 -14.60 -1.53
CA THR A 161 -4.15 -15.80 -2.35
C THR A 161 -4.42 -16.95 -1.41
N VAL A 162 -5.15 -17.93 -1.93
CA VAL A 162 -5.39 -19.22 -1.24
C VAL A 162 -4.04 -19.79 -0.83
N GLY A 163 -3.83 -20.17 0.43
CA GLY A 163 -2.58 -20.79 0.90
C GLY A 163 -1.64 -19.80 1.55
N GLU A 164 -1.77 -18.50 1.33
CA GLU A 164 -1.02 -17.45 2.08
C GLU A 164 -1.42 -17.51 3.57
N LEU A 165 -0.45 -17.40 4.48
CA LEU A 165 -0.70 -17.24 5.92
C LEU A 165 -1.39 -15.89 6.14
N GLY A 166 -2.38 -15.84 7.03
CA GLY A 166 -3.15 -14.64 7.32
C GLY A 166 -3.25 -14.35 8.81
N ASP A 167 -3.72 -13.15 9.09
CA ASP A 167 -3.81 -12.58 10.44
C ASP A 167 -5.28 -12.20 10.65
N VAL A 168 -5.88 -12.62 11.77
CA VAL A 168 -7.30 -12.34 12.05
C VAL A 168 -7.50 -10.82 12.17
N ARG A 169 -6.66 -10.17 12.96
CA ARG A 169 -6.74 -8.72 13.23
C ARG A 169 -6.67 -7.95 11.90
N GLU A 170 -5.70 -8.29 11.05
CA GLU A 170 -5.53 -7.68 9.70
C GLU A 170 -6.79 -7.92 8.85
N THR A 171 -7.30 -9.15 8.81
CA THR A 171 -8.53 -9.51 8.05
C THR A 171 -9.74 -8.72 8.56
N MET A 172 -9.97 -8.67 9.87
CA MET A 172 -11.13 -7.93 10.43
C MET A 172 -10.98 -6.44 10.11
N SER A 173 -9.76 -5.95 10.13
CA SER A 173 -9.48 -4.54 9.85
C SER A 173 -9.95 -4.18 8.42
N TYR A 174 -9.55 -4.95 7.40
CA TYR A 174 -10.02 -4.77 5.99
C TYR A 174 -11.53 -4.90 5.91
N LEU A 175 -12.11 -5.92 6.57
CA LEU A 175 -13.57 -6.15 6.47
C LEU A 175 -14.32 -4.97 7.10
N PHE A 176 -13.81 -4.44 8.21
CA PHE A 176 -14.47 -3.32 8.94
C PHE A 176 -14.51 -2.08 8.05
N GLN A 177 -13.51 -1.87 7.17
CA GLN A 177 -13.48 -0.74 6.22
C GLN A 177 -14.69 -0.84 5.29
N HIS A 178 -15.21 -2.05 5.06
CA HIS A 178 -16.36 -2.31 4.15
C HIS A 178 -17.61 -2.56 4.96
N ALA A 179 -17.60 -2.20 6.25
CA ALA A 179 -18.79 -2.34 7.12
C ALA A 179 -19.37 -0.96 7.42
N ASN A 180 -20.65 -0.90 7.76
CA ASN A 180 -21.28 0.36 8.20
C ASN A 180 -21.01 0.55 9.71
N LEU A 181 -20.02 1.36 10.04
CA LEU A 181 -19.57 1.69 11.43
C LEU A 181 -19.66 3.21 11.68
N ASP A 182 -20.32 3.97 10.81
CA ASP A 182 -20.26 5.45 10.82
C ASP A 182 -20.69 5.96 12.21
N SER A 183 -21.78 5.42 12.76
CA SER A 183 -22.35 5.77 14.08
C SER A 183 -21.60 5.09 15.25
N CYS A 184 -20.39 4.54 15.03
CA CYS A 184 -19.57 4.01 16.13
C CYS A 184 -18.72 5.13 16.73
N LYS A 185 -18.68 5.22 18.05
CA LYS A 185 -18.04 6.37 18.72
C LYS A 185 -17.33 5.87 19.98
N ARG A 186 -16.16 6.41 20.24
CA ARG A 186 -15.34 6.05 21.43
C ARG A 186 -14.77 7.35 21.98
N VAL A 187 -14.91 7.56 23.27
CA VAL A 187 -14.24 8.69 23.96
C VAL A 187 -13.25 8.08 24.96
N LEU A 188 -11.99 8.49 24.84
CA LEU A 188 -10.87 8.09 25.72
C LEU A 188 -10.45 9.33 26.50
N ASN A 189 -9.99 9.13 27.73
CA ASN A 189 -9.27 10.17 28.49
C ASN A 189 -7.89 9.60 28.84
N VAL A 190 -6.85 10.43 28.70
CA VAL A 190 -5.44 10.10 29.02
C VAL A 190 -5.03 11.08 30.10
N VAL A 191 -4.63 10.59 31.26
CA VAL A 191 -4.24 11.45 32.42
C VAL A 191 -2.76 11.19 32.66
N CYS A 192 -1.96 12.26 32.66
CA CYS A 192 -0.53 12.23 33.02
C CYS A 192 -0.33 13.21 34.17
N LYS A 193 0.39 12.80 35.23
CA LYS A 193 0.64 13.60 36.46
C LYS A 193 1.25 14.96 36.07
N THR A 194 2.19 14.93 35.11
CA THR A 194 2.94 16.09 34.58
C THR A 194 2.08 16.86 33.57
N CYS A 195 1.66 16.18 32.51
CA CYS A 195 1.08 16.81 31.29
C CYS A 195 -0.41 17.15 31.47
N GLY A 196 -1.09 16.55 32.43
CA GLY A 196 -2.54 16.78 32.62
C GLY A 196 -3.37 15.86 31.74
N GLN A 197 -4.60 16.27 31.43
CA GLN A 197 -5.67 15.45 30.81
C GLN A 197 -5.85 15.85 29.34
N GLN A 198 -6.15 14.87 28.51
CA GLN A 198 -6.40 15.03 27.06
C GLN A 198 -7.50 14.04 26.73
N GLN A 199 -8.63 14.53 26.26
CA GLN A 199 -9.75 13.69 25.80
C GLN A 199 -9.62 13.56 24.29
N THR A 200 -9.87 12.37 23.75
CA THR A 200 -9.85 12.07 22.30
C THR A 200 -11.15 11.36 21.91
N THR A 201 -11.81 11.83 20.84
CA THR A 201 -13.01 11.17 20.28
C THR A 201 -12.63 10.51 18.96
N LEU A 202 -12.92 9.22 18.85
CA LEU A 202 -12.69 8.38 17.65
C LEU A 202 -14.04 7.94 17.08
N LYS A 203 -14.12 7.82 15.75
CA LYS A 203 -15.33 7.35 15.01
C LYS A 203 -14.93 6.17 14.12
N GLY A 204 -15.89 5.36 13.68
CA GLY A 204 -15.63 4.30 12.70
C GLY A 204 -14.76 3.20 13.26
N VAL A 205 -13.84 2.69 12.43
CA VAL A 205 -13.01 1.49 12.78
C VAL A 205 -12.17 1.82 14.01
N GLU A 206 -11.64 3.04 14.11
CA GLU A 206 -10.76 3.45 15.23
C GLU A 206 -11.54 3.39 16.55
N ALA A 207 -12.89 3.40 16.53
CA ALA A 207 -13.76 3.40 17.73
C ALA A 207 -14.06 1.98 18.22
N VAL A 208 -13.91 0.94 17.39
CA VAL A 208 -14.22 -0.47 17.78
C VAL A 208 -12.95 -1.32 17.94
N MET A 209 -11.79 -0.89 17.45
CA MET A 209 -10.56 -1.71 17.54
C MET A 209 -9.58 -1.06 18.52
N TYR A 210 -8.98 -1.83 19.42
CA TYR A 210 -7.86 -1.36 20.25
C TYR A 210 -6.75 -2.42 20.25
N MET A 211 -5.51 -1.97 20.12
CA MET A 211 -4.30 -2.83 20.20
C MET A 211 -3.53 -2.49 21.49
N GLY A 212 -3.30 -3.47 22.37
CA GLY A 212 -2.45 -3.31 23.56
C GLY A 212 -2.97 -4.04 24.79
N THR A 213 -4.27 -4.32 24.88
CA THR A 213 -4.88 -5.13 25.98
C THR A 213 -6.05 -5.94 25.44
N LEU A 214 -6.21 -7.16 25.97
CA LEU A 214 -7.30 -8.10 25.59
C LEU A 214 -8.57 -7.80 26.42
N SER A 215 -8.41 -7.15 27.57
CA SER A 215 -9.44 -6.96 28.61
C SER A 215 -10.25 -5.66 28.38
N TYR A 216 -11.54 -5.78 28.15
CA TYR A 216 -12.44 -4.61 28.04
C TYR A 216 -12.54 -3.93 29.41
N GLU A 217 -12.58 -4.73 30.47
CA GLU A 217 -12.63 -4.25 31.88
C GLU A 217 -11.37 -3.45 32.18
N GLN A 218 -10.19 -3.97 31.83
CA GLN A 218 -8.91 -3.25 32.06
C GLN A 218 -8.91 -1.90 31.31
N PHE A 219 -9.54 -1.84 30.13
CA PHE A 219 -9.58 -0.65 29.24
C PHE A 219 -10.44 0.42 29.92
N LYS A 220 -11.58 -0.01 30.48
CA LYS A 220 -12.48 0.84 31.30
C LYS A 220 -11.79 1.32 32.58
N LYS A 221 -11.02 0.48 33.23
CA LYS A 221 -10.36 0.83 34.52
C LYS A 221 -9.12 1.68 34.27
N GLY A 222 -8.39 1.49 33.16
CA GLY A 222 -7.19 2.28 32.88
C GLY A 222 -6.02 1.41 32.48
N VAL A 223 -5.39 1.74 31.34
CA VAL A 223 -4.16 1.05 30.90
C VAL A 223 -3.04 2.09 30.91
N GLN A 224 -1.85 1.68 31.34
CA GLN A 224 -0.64 2.53 31.35
C GLN A 224 -0.02 2.50 29.96
N ILE A 225 0.40 3.68 29.50
CA ILE A 225 1.06 3.87 28.18
C ILE A 225 2.09 4.98 28.34
N PRO A 226 3.17 4.95 27.54
CA PRO A 226 4.18 5.99 27.62
C PRO A 226 3.58 7.34 27.16
N CYS A 227 3.94 8.38 27.88
CA CYS A 227 3.66 9.79 27.56
C CYS A 227 4.95 10.47 27.11
N THR A 228 4.84 11.49 26.28
CA THR A 228 5.99 12.21 25.67
C THR A 228 6.86 12.87 26.75
N CYS A 229 6.42 12.98 28.01
CA CYS A 229 7.29 13.48 29.12
C CYS A 229 8.24 12.38 29.60
N GLY A 230 8.12 11.14 29.12
CA GLY A 230 8.97 10.01 29.56
C GLY A 230 8.38 9.21 30.71
N LYS A 231 7.46 9.78 31.50
CA LYS A 231 6.60 9.03 32.47
C LYS A 231 5.62 8.09 31.75
N GLN A 232 4.96 7.22 32.53
CA GLN A 232 3.73 6.50 32.11
C GLN A 232 2.52 7.37 32.48
N ALA A 233 1.58 7.49 31.54
CA ALA A 233 0.23 8.06 31.73
C ALA A 233 -0.75 6.90 31.82
N THR A 234 -2.01 7.19 32.13
CA THR A 234 -3.13 6.21 32.15
C THR A 234 -4.18 6.62 31.11
N LYS A 235 -4.61 5.68 30.29
CA LYS A 235 -5.68 5.88 29.27
C LYS A 235 -6.90 5.05 29.69
N TYR A 236 -8.09 5.64 29.69
CA TYR A 236 -9.31 4.87 30.02
C TYR A 236 -10.46 5.25 29.09
N LEU A 237 -11.30 4.26 28.85
CA LEU A 237 -12.54 4.39 28.08
C LEU A 237 -13.54 5.16 28.94
N VAL A 238 -13.95 6.33 28.45
CA VAL A 238 -14.98 7.23 29.03
C VAL A 238 -16.35 6.82 28.48
N GLN A 239 -16.45 6.62 27.17
CA GLN A 239 -17.74 6.36 26.48
C GLN A 239 -17.57 5.49 25.24
N GLN A 240 -18.49 4.56 25.03
CA GLN A 240 -18.52 3.63 23.88
C GLN A 240 -19.95 3.53 23.34
N GLU A 241 -20.12 3.81 22.05
CA GLU A 241 -21.38 3.58 21.27
C GLU A 241 -21.00 2.66 20.12
N SER A 242 -21.27 1.37 20.25
CA SER A 242 -21.00 0.35 19.20
C SER A 242 -21.64 -0.96 19.61
N PRO A 243 -22.01 -1.83 18.65
CA PRO A 243 -22.67 -3.09 19.01
C PRO A 243 -21.66 -4.17 19.44
N PHE A 244 -20.36 -3.90 19.29
CA PHE A 244 -19.27 -4.77 19.77
C PHE A 244 -18.00 -3.93 19.88
N VAL A 245 -17.00 -4.47 20.56
CA VAL A 245 -15.60 -3.94 20.53
C VAL A 245 -14.69 -5.14 20.27
N MET A 246 -13.53 -4.89 19.68
CA MET A 246 -12.50 -5.90 19.42
C MET A 246 -11.24 -5.41 20.11
N MET A 247 -10.78 -6.19 21.09
CA MET A 247 -9.55 -5.92 21.86
C MET A 247 -8.49 -6.93 21.40
N SER A 248 -7.32 -6.43 21.01
CA SER A 248 -6.22 -7.20 20.41
C SER A 248 -4.95 -6.94 21.22
N ALA A 249 -4.03 -7.89 21.25
CA ALA A 249 -2.67 -7.74 21.81
C ALA A 249 -1.77 -8.79 21.17
N PRO A 250 -0.43 -8.65 21.20
CA PRO A 250 0.45 -9.75 20.79
C PRO A 250 0.06 -11.00 21.57
N PRO A 251 0.09 -12.18 20.91
CA PRO A 251 -0.37 -13.42 21.55
C PRO A 251 0.36 -13.64 22.87
N ALA A 252 -0.37 -13.87 23.95
CA ALA A 252 0.19 -14.21 25.29
C ALA A 252 -0.78 -15.13 26.02
N GLN A 253 -0.26 -15.99 26.90
CA GLN A 253 -1.08 -16.88 27.76
C GLN A 253 -2.11 -16.03 28.48
N TYR A 254 -3.37 -16.40 28.37
CA TYR A 254 -4.48 -15.57 28.87
C TYR A 254 -5.63 -16.50 29.19
N GLU A 255 -6.34 -16.21 30.26
CA GLU A 255 -7.50 -17.00 30.71
C GLU A 255 -8.77 -16.31 30.21
N LEU A 256 -9.62 -17.03 29.48
CA LEU A 256 -10.96 -16.54 29.05
C LEU A 256 -12.02 -17.07 30.03
N LYS A 257 -12.77 -16.19 30.68
CA LYS A 257 -13.84 -16.59 31.64
C LYS A 257 -15.21 -16.57 30.96
N HIS A 258 -15.86 -17.71 31.02
CA HIS A 258 -17.25 -17.94 30.55
C HIS A 258 -18.15 -16.75 30.91
N GLY A 259 -18.94 -16.27 29.95
CA GLY A 259 -19.96 -15.24 30.19
C GLY A 259 -19.40 -13.82 30.25
N THR A 260 -18.10 -13.61 30.04
CA THR A 260 -17.42 -12.29 30.18
C THR A 260 -16.97 -11.77 28.82
N PHE A 261 -17.18 -12.52 27.75
CA PHE A 261 -16.78 -12.12 26.39
C PHE A 261 -17.72 -12.82 25.43
N THR A 262 -17.68 -12.49 24.14
CA THR A 262 -18.50 -13.14 23.09
C THR A 262 -17.69 -14.29 22.49
N CYS A 263 -16.54 -13.97 21.93
CA CYS A 263 -15.66 -14.94 21.27
C CYS A 263 -14.25 -14.37 21.22
N ALA A 264 -13.27 -15.22 20.91
CA ALA A 264 -11.84 -14.87 20.95
C ALA A 264 -11.09 -15.73 19.94
N SER A 265 -9.93 -15.23 19.51
CA SER A 265 -8.96 -15.93 18.62
C SER A 265 -7.73 -16.31 19.42
N GLU A 266 -7.41 -17.60 19.42
CA GLU A 266 -6.15 -18.14 19.97
C GLU A 266 -5.16 -18.34 18.81
N TYR A 267 -3.92 -17.93 19.00
CA TYR A 267 -2.81 -18.08 18.03
C TYR A 267 -1.62 -18.73 18.73
N THR A 268 -1.39 -19.98 18.34
CA THR A 268 -0.28 -20.85 18.79
C THR A 268 0.80 -20.91 17.71
N GLY A 269 2.05 -20.70 18.08
CA GLY A 269 3.22 -20.96 17.21
C GLY A 269 4.18 -19.81 17.32
N ASN A 270 4.56 -19.22 16.20
CA ASN A 270 5.61 -18.18 16.17
C ASN A 270 5.20 -17.05 15.23
N TYR A 271 6.00 -16.00 15.20
CA TYR A 271 5.76 -14.75 14.43
C TYR A 271 5.46 -15.08 12.95
N GLN A 272 6.12 -16.05 12.34
CA GLN A 272 6.12 -16.26 10.86
C GLN A 272 5.24 -17.44 10.43
N CYS A 273 4.83 -18.32 11.35
CA CYS A 273 3.82 -19.39 11.10
C CYS A 273 3.24 -19.89 12.43
N GLY A 274 2.04 -20.45 12.37
CA GLY A 274 1.26 -20.79 13.57
C GLY A 274 -0.15 -21.19 13.18
N HIS A 275 -1.03 -21.37 14.16
CA HIS A 275 -2.37 -21.96 13.95
C HIS A 275 -3.36 -21.15 14.77
N TYR A 276 -4.44 -20.70 14.15
CA TYR A 276 -5.53 -20.03 14.87
C TYR A 276 -6.58 -21.05 15.27
N LYS A 277 -7.17 -20.86 16.45
CA LYS A 277 -8.45 -21.49 16.88
C LYS A 277 -9.43 -20.39 17.34
N HIS A 278 -10.72 -20.72 17.35
CA HIS A 278 -11.82 -19.85 17.79
C HIS A 278 -12.35 -20.37 19.13
N ILE A 279 -12.54 -19.49 20.10
CA ILE A 279 -13.23 -19.81 21.39
C ILE A 279 -14.48 -18.95 21.47
N THR A 280 -15.62 -19.58 21.77
CA THR A 280 -16.93 -18.89 21.88
C THR A 280 -17.55 -19.20 23.26
N SER A 281 -18.16 -18.18 23.87
CA SER A 281 -18.84 -18.24 25.20
C SER A 281 -20.34 -18.46 24.99
N LYS A 282 -20.80 -19.71 25.10
CA LYS A 282 -22.23 -20.12 25.05
C LYS A 282 -22.66 -20.51 26.46
N GLU A 283 -23.38 -21.61 26.65
CA GLU A 283 -23.71 -22.15 27.99
C GLU A 283 -22.40 -22.60 28.64
N THR A 284 -21.36 -22.83 27.85
CA THR A 284 -19.98 -23.13 28.32
C THR A 284 -18.98 -22.65 27.25
N LEU A 285 -17.69 -22.88 27.43
CA LEU A 285 -16.62 -22.44 26.49
C LEU A 285 -16.48 -23.52 25.44
N TYR A 286 -16.68 -23.17 24.18
CA TYR A 286 -16.44 -24.06 23.02
C TYR A 286 -15.21 -23.54 22.28
N CYS A 287 -14.29 -24.47 21.97
CA CYS A 287 -13.11 -24.26 21.14
C CYS A 287 -13.43 -24.87 19.79
N ILE A 288 -13.59 -24.03 18.76
CA ILE A 288 -13.83 -24.50 17.37
C ILE A 288 -12.52 -24.34 16.60
N ASP A 289 -12.05 -25.45 16.04
CA ASP A 289 -10.78 -25.56 15.30
C ASP A 289 -11.14 -26.14 13.93
N GLY A 290 -11.66 -25.30 13.03
CA GLY A 290 -12.17 -25.73 11.72
C GLY A 290 -13.38 -26.61 11.90
N ALA A 291 -13.23 -27.92 11.60
CA ALA A 291 -14.30 -28.93 11.69
C ALA A 291 -14.38 -29.49 13.12
N LEU A 292 -13.38 -29.23 13.96
CA LEU A 292 -13.22 -29.89 15.29
C LEU A 292 -13.84 -29.03 16.40
N LEU A 293 -14.43 -29.68 17.39
CA LEU A 293 -15.14 -29.03 18.52
C LEU A 293 -14.72 -29.73 19.81
N THR A 294 -14.30 -28.95 20.80
CA THR A 294 -14.04 -29.39 22.18
C THR A 294 -14.71 -28.37 23.09
N LYS A 295 -15.17 -28.81 24.26
CA LYS A 295 -15.81 -27.90 25.24
C LYS A 295 -15.09 -28.07 26.58
N SER A 296 -15.07 -27.01 27.36
CA SER A 296 -14.53 -26.99 28.74
C SER A 296 -15.18 -25.83 29.48
N SER A 297 -15.14 -25.83 30.81
CA SER A 297 -15.68 -24.76 31.66
C SER A 297 -14.66 -23.63 31.77
N GLU A 298 -13.38 -23.96 31.60
CA GLU A 298 -12.25 -22.99 31.66
C GLU A 298 -11.42 -23.05 30.37
N TYR A 299 -10.73 -21.96 30.07
CA TYR A 299 -9.78 -21.86 28.93
C TYR A 299 -8.62 -20.92 29.26
N LYS A 300 -7.41 -21.45 29.10
CA LYS A 300 -6.13 -20.71 29.08
C LYS A 300 -5.41 -21.02 27.75
N GLY A 301 -5.00 -19.99 27.04
CA GLY A 301 -4.23 -20.20 25.81
C GLY A 301 -3.67 -18.88 25.34
N PRO A 302 -2.86 -18.92 24.28
CA PRO A 302 -2.34 -17.69 23.69
C PRO A 302 -3.40 -16.95 22.86
N ILE A 303 -3.97 -15.89 23.42
CA ILE A 303 -5.11 -15.14 22.82
C ILE A 303 -4.55 -13.87 22.19
N THR A 304 -5.03 -13.52 20.99
CA THR A 304 -4.65 -12.32 20.22
C THR A 304 -5.82 -11.35 20.12
N ASP A 305 -7.06 -11.84 20.08
CA ASP A 305 -8.24 -10.98 19.82
C ASP A 305 -9.40 -11.49 20.66
N VAL A 306 -10.08 -10.57 21.36
CA VAL A 306 -11.31 -10.87 22.13
C VAL A 306 -12.38 -9.88 21.67
N PHE A 307 -13.57 -10.40 21.39
CA PHE A 307 -14.76 -9.63 20.99
C PHE A 307 -15.74 -9.60 22.16
N TYR A 308 -16.35 -8.45 22.38
CA TYR A 308 -17.32 -8.20 23.47
C TYR A 308 -18.54 -7.52 22.86
N LYS A 309 -19.73 -7.89 23.34
CA LYS A 309 -21.00 -7.21 22.96
C LYS A 309 -21.00 -5.85 23.66
N GLU A 310 -21.67 -4.89 23.05
CA GLU A 310 -21.82 -3.51 23.60
C GLU A 310 -23.08 -2.90 22.98
N ASN A 311 -23.50 -1.78 23.54
CA ASN A 311 -24.59 -0.93 23.00
CA ASN A 311 -24.55 -0.92 22.94
C ASN A 311 -24.18 0.52 23.29
N SER A 312 -24.28 0.89 24.57
CA SER A 312 -23.86 2.21 25.11
C SER A 312 -23.19 2.02 26.47
N TYR A 313 -22.00 2.57 26.64
CA TYR A 313 -21.26 2.59 27.93
C TYR A 313 -20.82 4.03 28.23
N THR A 314 -21.06 4.48 29.46
CA THR A 314 -20.51 5.72 30.03
C THR A 314 -19.82 5.38 31.35
N THR A 315 -18.61 5.87 31.55
CA THR A 315 -17.77 5.60 32.75
C THR A 315 -18.45 6.24 33.97
N THR A 316 -18.14 5.74 35.17
CA THR A 316 -18.53 6.37 36.48
C THR A 316 -17.29 7.00 37.14
N ILE A 317 -16.14 7.04 36.46
CA ILE A 317 -14.85 7.56 37.00
C ILE A 317 -14.93 9.07 37.18
N VAL B 5 -3.89 23.99 -42.63
CA VAL B 5 -3.48 23.27 -41.37
C VAL B 5 -2.52 22.13 -41.74
N ARG B 6 -1.25 22.24 -41.31
CA ARG B 6 -0.18 21.24 -41.57
C ARG B 6 -0.29 20.10 -40.54
N THR B 7 -0.07 18.86 -41.00
CA THR B 7 -0.14 17.62 -40.19
C THR B 7 0.93 16.62 -40.62
N ILE B 8 1.41 15.79 -39.68
CA ILE B 8 2.19 14.56 -39.98
C ILE B 8 1.42 13.35 -39.42
N LYS B 9 1.75 12.16 -39.92
CA LYS B 9 1.26 10.85 -39.45
C LYS B 9 2.29 10.28 -38.47
N VAL B 10 1.85 9.89 -37.27
CA VAL B 10 2.69 9.15 -36.29
C VAL B 10 1.89 7.95 -35.79
N PHE B 11 2.59 7.00 -35.15
CA PHE B 11 2.00 5.86 -34.42
C PHE B 11 2.00 6.17 -32.92
N THR B 12 0.88 5.90 -32.24
CA THR B 12 0.80 5.85 -30.78
C THR B 12 0.75 4.38 -30.36
N THR B 13 1.27 4.09 -29.17
CA THR B 13 1.32 2.72 -28.59
C THR B 13 1.39 2.79 -27.07
N VAL B 14 1.03 1.69 -26.39
CA VAL B 14 1.36 1.46 -24.95
C VAL B 14 2.31 0.26 -24.85
N ASP B 15 2.46 -0.54 -25.89
CA ASP B 15 3.21 -1.83 -25.75
C ASP B 15 4.32 -1.93 -26.81
N ASN B 16 4.42 -0.96 -27.71
CA ASN B 16 5.40 -0.98 -28.83
C ASN B 16 5.20 -2.17 -29.76
N ILE B 17 4.00 -2.81 -29.76
CA ILE B 17 3.63 -3.97 -30.62
C ILE B 17 2.38 -3.59 -31.40
N ASN B 18 1.35 -3.13 -30.71
CA ASN B 18 0.14 -2.57 -31.36
C ASN B 18 0.40 -1.08 -31.58
N LEU B 19 0.47 -0.69 -32.85
CA LEU B 19 0.73 0.70 -33.27
C LEU B 19 -0.59 1.28 -33.76
N HIS B 20 -0.92 2.52 -33.38
CA HIS B 20 -2.20 3.16 -33.78
C HIS B 20 -1.89 4.42 -34.56
N THR B 21 -2.32 4.48 -35.83
CA THR B 21 -2.07 5.62 -36.73
C THR B 21 -2.77 6.85 -36.16
N GLN B 22 -2.05 7.97 -36.07
CA GLN B 22 -2.64 9.26 -35.65
C GLN B 22 -2.21 10.31 -36.67
N VAL B 23 -3.12 11.22 -36.99
CA VAL B 23 -2.84 12.46 -37.78
C VAL B 23 -2.66 13.60 -36.77
N VAL B 24 -1.46 14.15 -36.62
CA VAL B 24 -1.18 15.23 -35.63
C VAL B 24 -1.01 16.58 -36.34
N ASP B 25 -1.69 17.59 -35.82
CA ASP B 25 -1.57 19.03 -36.20
C ASP B 25 -0.19 19.53 -35.73
N MET B 26 0.61 20.09 -36.64
CA MET B 26 1.99 20.57 -36.34
C MET B 26 1.97 21.88 -35.56
N SER B 27 0.81 22.56 -35.47
CA SER B 27 0.63 23.85 -34.75
C SER B 27 0.46 23.62 -33.24
N MET B 28 0.01 22.43 -32.82
CA MET B 28 -0.27 22.11 -31.39
C MET B 28 0.72 21.08 -30.84
N THR B 29 0.90 21.10 -29.51
CA THR B 29 1.78 20.16 -28.77
C THR B 29 1.16 18.75 -28.82
N TYR B 30 2.02 17.74 -28.71
CA TYR B 30 1.63 16.32 -28.48
C TYR B 30 0.69 16.25 -27.29
N GLY B 31 1.00 16.97 -26.20
CA GLY B 31 0.18 17.02 -24.98
C GLY B 31 -1.24 17.50 -25.26
N GLN B 32 -1.38 18.50 -26.12
CA GLN B 32 -2.70 19.09 -26.47
C GLN B 32 -3.52 18.04 -27.24
N GLN B 33 -2.86 17.08 -27.91
CA GLN B 33 -3.53 16.10 -28.81
C GLN B 33 -3.63 14.71 -28.14
N PHE B 34 -2.66 14.31 -27.30
CA PHE B 34 -2.55 12.92 -26.78
C PHE B 34 -2.54 12.85 -25.24
N GLY B 35 -2.31 13.98 -24.57
CA GLY B 35 -1.87 13.99 -23.16
C GLY B 35 -0.40 13.58 -23.09
N PRO B 36 0.09 13.15 -21.92
CA PRO B 36 1.49 12.76 -21.78
C PRO B 36 1.93 11.85 -22.95
N THR B 37 3.01 12.26 -23.61
CA THR B 37 3.58 11.59 -24.81
C THR B 37 5.09 11.44 -24.67
N TYR B 38 5.62 10.30 -25.08
CA TYR B 38 7.05 9.94 -24.92
C TYR B 38 7.56 9.38 -26.25
N LEU B 39 8.76 9.80 -26.61
CA LEU B 39 9.58 9.28 -27.74
C LEU B 39 10.88 8.71 -27.13
N ASP B 40 11.02 7.39 -27.22
CA ASP B 40 12.14 6.58 -26.65
CA ASP B 40 12.19 6.64 -26.68
C ASP B 40 12.49 7.11 -25.25
N GLY B 41 11.47 7.41 -24.46
CA GLY B 41 11.65 7.73 -23.04
C GLY B 41 11.58 9.21 -22.74
N ALA B 42 11.93 10.05 -23.73
CA ALA B 42 11.92 11.54 -23.59
C ALA B 42 10.47 12.04 -23.50
N ASP B 43 10.18 12.96 -22.57
CA ASP B 43 8.83 13.58 -22.44
C ASP B 43 8.67 14.67 -23.52
N VAL B 44 7.85 14.40 -24.56
CA VAL B 44 7.61 15.33 -25.71
C VAL B 44 6.22 15.98 -25.57
N THR B 45 5.56 15.78 -24.43
CA THR B 45 4.23 16.37 -24.10
C THR B 45 4.19 17.82 -24.58
N LYS B 46 5.18 18.62 -24.19
CA LYS B 46 5.15 20.11 -24.33
C LYS B 46 5.88 20.54 -25.60
N ILE B 47 6.14 19.63 -26.53
CA ILE B 47 6.84 19.87 -27.83
C ILE B 47 5.80 19.79 -28.94
N LYS B 48 5.96 20.58 -30.00
CA LYS B 48 5.15 20.46 -31.25
C LYS B 48 5.81 19.43 -32.15
N PRO B 49 5.04 18.75 -33.03
CA PRO B 49 5.63 17.77 -33.96
C PRO B 49 6.62 18.42 -34.95
N HIS B 50 7.80 17.81 -35.15
CA HIS B 50 8.78 18.16 -36.21
CA HIS B 50 8.76 18.18 -36.24
C HIS B 50 8.56 17.21 -37.41
N ASN B 51 9.09 17.56 -38.59
CA ASN B 51 8.99 16.74 -39.83
C ASN B 51 9.70 15.39 -39.64
N SER B 52 10.80 15.37 -38.89
CA SER B 52 11.58 14.13 -38.59
C SER B 52 10.79 13.17 -37.69
N HIS B 53 9.68 13.61 -37.06
CA HIS B 53 8.81 12.78 -36.18
C HIS B 53 7.90 11.87 -37.02
N GLU B 54 7.69 12.18 -38.30
CA GLU B 54 6.71 11.43 -39.15
C GLU B 54 7.06 9.93 -39.16
N GLY B 55 6.03 9.08 -39.04
CA GLY B 55 6.13 7.60 -39.07
C GLY B 55 6.68 7.01 -37.77
N LYS B 56 7.18 7.84 -36.86
CA LYS B 56 7.82 7.35 -35.60
C LYS B 56 6.74 6.93 -34.59
N THR B 57 7.18 6.22 -33.56
CA THR B 57 6.34 5.59 -32.51
C THR B 57 6.40 6.42 -31.22
N PHE B 58 5.23 6.86 -30.75
CA PHE B 58 5.11 7.60 -29.48
C PHE B 58 4.35 6.71 -28.48
N TYR B 59 4.86 6.64 -27.25
CA TYR B 59 4.15 6.08 -26.06
C TYR B 59 3.16 7.12 -25.56
N VAL B 60 1.95 6.67 -25.26
CA VAL B 60 0.88 7.48 -24.61
C VAL B 60 0.34 6.70 -23.42
N LEU B 61 -0.45 7.35 -22.58
CA LEU B 61 -1.11 6.68 -21.42
C LEU B 61 -2.34 5.94 -21.94
N PRO B 62 -2.70 4.80 -21.32
CA PRO B 62 -3.88 4.04 -21.76
C PRO B 62 -5.18 4.74 -21.34
N ASN B 63 -5.71 5.60 -22.20
CA ASN B 63 -6.88 6.46 -21.85
C ASN B 63 -8.12 6.03 -22.66
N ASP B 64 -8.14 4.83 -23.25
CA ASP B 64 -9.36 4.26 -23.89
C ASP B 64 -9.32 2.73 -23.74
N ASP B 65 -10.41 2.05 -24.08
CA ASP B 65 -10.58 0.58 -23.87
C ASP B 65 -9.50 -0.19 -24.65
N THR B 66 -9.21 0.18 -25.89
CA THR B 66 -8.18 -0.52 -26.70
C THR B 66 -6.81 -0.47 -26.00
N LEU B 67 -6.36 0.72 -25.59
CA LEU B 67 -5.02 0.88 -24.95
C LEU B 67 -5.03 0.19 -23.57
N ARG B 68 -6.14 0.24 -22.83
CA ARG B 68 -6.20 -0.36 -21.47
C ARG B 68 -6.01 -1.88 -21.57
N VAL B 69 -6.69 -2.52 -22.53
CA VAL B 69 -6.57 -4.00 -22.75
C VAL B 69 -5.15 -4.32 -23.25
N GLU B 70 -4.57 -3.52 -24.14
CA GLU B 70 -3.20 -3.76 -24.66
C GLU B 70 -2.23 -3.64 -23.50
N ALA B 71 -2.30 -2.58 -22.70
CA ALA B 71 -1.42 -2.41 -21.51
C ALA B 71 -1.67 -3.53 -20.50
N PHE B 72 -2.92 -3.88 -20.25
CA PHE B 72 -3.31 -4.95 -19.30
C PHE B 72 -2.64 -6.26 -19.73
N GLU B 73 -2.67 -6.58 -21.02
CA GLU B 73 -2.18 -7.86 -21.56
C GLU B 73 -0.65 -7.87 -21.55
N TYR B 74 0.00 -6.73 -21.79
CA TYR B 74 1.48 -6.67 -21.95
C TYR B 74 2.15 -6.52 -20.58
N TYR B 75 1.68 -5.64 -19.71
CA TYR B 75 2.35 -5.31 -18.42
C TYR B 75 1.69 -6.01 -17.23
N HIS B 76 0.48 -6.55 -17.40
CA HIS B 76 -0.37 -7.15 -16.32
C HIS B 76 -0.67 -6.07 -15.29
N THR B 77 -1.01 -4.86 -15.72
CA THR B 77 -1.17 -3.69 -14.83
C THR B 77 -2.38 -2.91 -15.28
N THR B 78 -3.11 -2.40 -14.29
CA THR B 78 -4.41 -1.70 -14.46
C THR B 78 -4.27 -0.23 -14.07
N ASP B 79 -3.04 0.23 -13.91
CA ASP B 79 -2.70 1.58 -13.40
C ASP B 79 -2.21 2.39 -14.59
N PRO B 80 -2.97 3.37 -15.12
CA PRO B 80 -2.50 4.15 -16.26
C PRO B 80 -1.27 5.02 -15.94
N SER B 81 -0.98 5.23 -14.65
CA SER B 81 0.24 5.98 -14.24
CA SER B 81 0.23 5.96 -14.19
C SER B 81 1.47 5.08 -14.41
N PHE B 82 1.27 3.76 -14.61
CA PHE B 82 2.35 2.77 -14.78
C PHE B 82 3.24 3.18 -15.97
N LEU B 83 2.63 3.42 -17.13
CA LEU B 83 3.39 3.84 -18.33
C LEU B 83 4.18 5.12 -18.05
N GLY B 84 3.60 6.08 -17.34
CA GLY B 84 4.28 7.32 -16.94
C GLY B 84 5.52 7.01 -16.12
N ARG B 85 5.41 6.11 -15.15
CA ARG B 85 6.55 5.74 -14.28
C ARG B 85 7.59 5.03 -15.12
N TYR B 86 7.16 4.14 -16.00
CA TYR B 86 8.07 3.32 -16.86
C TYR B 86 8.90 4.27 -17.74
N MET B 87 8.24 5.20 -18.44
CA MET B 87 8.95 6.12 -19.37
C MET B 87 9.86 7.10 -18.60
N SER B 88 9.39 7.67 -17.49
CA SER B 88 10.20 8.58 -16.65
C SER B 88 11.49 7.87 -16.27
N ALA B 89 11.38 6.61 -15.81
CA ALA B 89 12.56 5.79 -15.42
C ALA B 89 13.44 5.55 -16.65
N LEU B 90 12.84 5.16 -17.78
CA LEU B 90 13.58 4.67 -18.97
C LEU B 90 14.47 5.81 -19.50
N ASN B 91 14.00 7.05 -19.36
CA ASN B 91 14.74 8.27 -19.76
C ASN B 91 16.10 8.31 -19.07
N HIS B 92 16.21 7.84 -17.81
CA HIS B 92 17.51 7.75 -17.09
C HIS B 92 18.20 6.41 -17.40
N THR B 93 17.48 5.30 -17.47
CA THR B 93 18.13 3.96 -17.52
C THR B 93 18.77 3.76 -18.90
N LYS B 94 18.29 4.44 -19.94
CA LYS B 94 18.91 4.36 -21.30
CA LYS B 94 18.90 4.41 -21.31
C LYS B 94 20.33 4.94 -21.26
N LYS B 95 20.64 5.84 -20.32
CA LYS B 95 21.97 6.48 -20.17
C LYS B 95 22.86 5.68 -19.21
N TRP B 96 22.32 4.76 -18.42
CA TRP B 96 23.20 3.84 -17.63
C TRP B 96 24.02 3.00 -18.61
N LYS B 97 25.19 2.52 -18.18
CA LYS B 97 26.00 1.53 -18.91
C LYS B 97 25.75 0.15 -18.33
N TYR B 98 25.79 -0.88 -19.17
CA TYR B 98 25.47 -2.27 -18.83
C TYR B 98 26.62 -3.17 -19.22
N PRO B 99 27.78 -3.10 -18.53
CA PRO B 99 28.92 -3.97 -18.89
C PRO B 99 28.70 -5.46 -18.57
N GLN B 100 29.27 -6.34 -19.40
CA GLN B 100 29.47 -7.78 -19.09
C GLN B 100 30.59 -7.89 -18.04
N VAL B 101 30.32 -8.59 -16.95
CA VAL B 101 31.28 -8.78 -15.82
C VAL B 101 31.17 -10.25 -15.41
N ASN B 102 32.22 -11.02 -15.61
CA ASN B 102 32.22 -12.47 -15.26
C ASN B 102 31.08 -13.15 -16.03
N GLY B 103 30.83 -12.74 -17.29
CA GLY B 103 29.84 -13.34 -18.20
C GLY B 103 28.40 -12.96 -17.90
N LEU B 104 28.15 -12.03 -16.97
CA LEU B 104 26.76 -11.59 -16.62
C LEU B 104 26.58 -10.12 -16.98
N THR B 105 25.35 -9.72 -17.28
CA THR B 105 25.03 -8.28 -17.39
C THR B 105 24.94 -7.65 -15.99
N SER B 106 25.78 -6.66 -15.74
CA SER B 106 25.78 -5.81 -14.53
C SER B 106 25.32 -4.42 -14.94
N ILE B 107 25.42 -3.46 -14.02
CA ILE B 107 25.09 -2.04 -14.29
C ILE B 107 26.22 -1.24 -13.64
N LYS B 108 26.79 -0.32 -14.41
CA LYS B 108 27.77 0.65 -13.87
C LYS B 108 27.05 1.51 -12.83
N TRP B 109 27.74 1.89 -11.75
CA TRP B 109 27.11 2.59 -10.62
C TRP B 109 26.56 3.93 -11.10
N ALA B 110 25.29 4.23 -10.81
CA ALA B 110 24.68 5.57 -11.00
C ALA B 110 23.36 5.60 -10.26
N ASP B 111 23.00 6.76 -9.71
CA ASP B 111 21.62 6.97 -9.19
C ASP B 111 21.25 5.91 -8.14
N ASN B 112 22.21 5.48 -7.32
CA ASN B 112 21.97 4.53 -6.20
C ASN B 112 21.46 3.21 -6.76
N ASN B 113 21.93 2.77 -7.93
CA ASN B 113 21.37 1.57 -8.61
C ASN B 113 22.04 0.25 -8.16
N CYS B 114 22.90 0.25 -7.14
CA CYS B 114 23.62 -0.97 -6.65
C CYS B 114 22.61 -2.11 -6.37
N TYR B 115 21.46 -1.80 -5.77
CA TYR B 115 20.41 -2.81 -5.47
C TYR B 115 19.91 -3.43 -6.77
N LEU B 116 19.72 -2.62 -7.83
CA LEU B 116 19.21 -3.15 -9.13
C LEU B 116 20.28 -4.05 -9.77
N ALA B 117 21.55 -3.62 -9.71
CA ALA B 117 22.70 -4.38 -10.26
C ALA B 117 22.73 -5.77 -9.63
N THR B 118 22.67 -5.87 -8.29
CA THR B 118 22.81 -7.19 -7.61
C THR B 118 21.54 -7.99 -7.87
N ALA B 119 20.37 -7.37 -7.96
CA ALA B 119 19.14 -8.10 -8.33
C ALA B 119 19.26 -8.68 -9.76
N LEU B 120 19.72 -7.87 -10.72
CA LEU B 120 19.80 -8.29 -12.15
C LEU B 120 20.83 -9.43 -12.27
N LEU B 121 21.94 -9.31 -11.54
CA LEU B 121 22.99 -10.35 -11.51
C LEU B 121 22.40 -11.66 -10.96
N THR B 122 21.61 -11.56 -9.88
CA THR B 122 20.99 -12.71 -9.19
C THR B 122 20.03 -13.42 -10.14
N LEU B 123 19.14 -12.66 -10.80
CA LEU B 123 18.14 -13.22 -11.73
C LEU B 123 18.80 -14.08 -12.81
N GLN B 124 19.99 -13.67 -13.31
CA GLN B 124 20.70 -14.40 -14.40
C GLN B 124 21.23 -15.72 -13.86
N GLN B 125 21.15 -15.98 -12.55
CA GLN B 125 21.80 -17.17 -11.98
C GLN B 125 20.78 -18.11 -11.36
N ILE B 126 19.49 -17.76 -11.38
CA ILE B 126 18.42 -18.62 -10.81
C ILE B 126 17.37 -18.84 -11.90
N GLU B 127 16.73 -20.01 -11.89
CA GLU B 127 15.69 -20.40 -12.86
C GLU B 127 14.35 -19.78 -12.42
N LEU B 128 13.82 -18.87 -13.25
CA LEU B 128 12.63 -18.03 -12.96
C LEU B 128 12.07 -17.53 -14.31
N LYS B 129 10.78 -17.69 -14.56
CA LYS B 129 10.11 -17.15 -15.77
C LYS B 129 9.23 -16.02 -15.30
N PHE B 130 9.20 -14.88 -16.00
CA PHE B 130 8.24 -13.79 -15.70
C PHE B 130 6.91 -14.07 -16.41
N ASN B 131 5.81 -13.64 -15.80
CA ASN B 131 4.44 -13.75 -16.35
C ASN B 131 4.18 -12.62 -17.35
N PRO B 132 4.33 -11.33 -17.00
CA PRO B 132 4.05 -10.25 -17.96
C PRO B 132 4.95 -10.33 -19.17
N PRO B 133 4.37 -10.36 -20.39
CA PRO B 133 5.17 -10.32 -21.61
C PRO B 133 6.23 -9.20 -21.57
N ALA B 134 5.89 -8.07 -20.96
CA ALA B 134 6.80 -6.89 -20.87
C ALA B 134 8.09 -7.31 -20.16
N LEU B 135 7.99 -8.06 -19.05
CA LEU B 135 9.18 -8.52 -18.28
C LEU B 135 9.90 -9.64 -19.03
N GLN B 136 9.19 -10.54 -19.72
CA GLN B 136 9.86 -11.59 -20.54
C GLN B 136 10.74 -10.93 -21.60
N ASP B 137 10.20 -9.96 -22.36
CA ASP B 137 10.93 -9.34 -23.49
C ASP B 137 12.09 -8.49 -22.93
N ALA B 138 11.87 -7.69 -21.89
CA ALA B 138 12.92 -6.79 -21.37
C ALA B 138 14.00 -7.63 -20.68
N TYR B 139 13.64 -8.70 -19.98
CA TYR B 139 14.65 -9.57 -19.35
C TYR B 139 15.59 -10.20 -20.40
N TYR B 140 15.02 -10.68 -21.50
CA TYR B 140 15.77 -11.29 -22.65
C TYR B 140 16.81 -10.27 -23.16
N ARG B 141 16.37 -9.04 -23.40
CA ARG B 141 17.29 -7.96 -23.88
C ARG B 141 18.34 -7.68 -22.80
N ALA B 142 17.95 -7.72 -21.52
CA ALA B 142 18.88 -7.52 -20.38
C ALA B 142 19.96 -8.60 -20.41
N ARG B 143 19.59 -9.86 -20.67
CA ARG B 143 20.54 -11.01 -20.72
C ARG B 143 21.58 -10.79 -21.83
N ALA B 144 21.16 -10.21 -22.95
CA ALA B 144 22.00 -9.92 -24.14
C ALA B 144 22.79 -8.62 -23.94
N GLY B 145 22.55 -7.85 -22.89
CA GLY B 145 23.42 -6.70 -22.55
C GLY B 145 22.71 -5.36 -22.61
N GLU B 146 21.46 -5.29 -23.09
CA GLU B 146 20.68 -4.01 -23.17
C GLU B 146 19.58 -4.03 -22.10
N ALA B 147 19.90 -3.62 -20.87
CA ALA B 147 19.03 -3.83 -19.69
C ALA B 147 18.18 -2.60 -19.34
N ALA B 148 18.18 -1.54 -20.17
CA ALA B 148 17.57 -0.23 -19.81
C ALA B 148 16.07 -0.42 -19.56
N ASN B 149 15.41 -1.16 -20.44
CA ASN B 149 13.94 -1.35 -20.44
C ASN B 149 13.62 -2.21 -19.21
N PHE B 150 14.43 -3.23 -18.95
CA PHE B 150 14.23 -4.13 -17.79
C PHE B 150 14.37 -3.32 -16.49
N CYS B 151 15.45 -2.54 -16.34
CA CYS B 151 15.65 -1.72 -15.11
C CYS B 151 14.49 -0.73 -14.95
N ALA B 152 14.02 -0.08 -16.01
CA ALA B 152 12.92 0.91 -15.95
C ALA B 152 11.61 0.22 -15.51
N LEU B 153 11.37 -0.99 -16.00
CA LEU B 153 10.16 -1.77 -15.64
C LEU B 153 10.24 -2.14 -14.17
N ILE B 154 11.41 -2.60 -13.69
CA ILE B 154 11.58 -2.94 -12.25
C ILE B 154 11.21 -1.71 -11.43
N LEU B 155 11.78 -0.54 -11.74
CA LEU B 155 11.44 0.71 -11.02
C LEU B 155 9.92 0.95 -11.05
N ALA B 156 9.27 0.76 -12.20
CA ALA B 156 7.83 1.04 -12.38
C ALA B 156 6.99 0.08 -11.53
N TYR B 157 7.25 -1.23 -11.60
CA TYR B 157 6.53 -2.28 -10.83
C TYR B 157 6.74 -2.06 -9.31
N CYS B 158 7.93 -1.69 -8.86
CA CYS B 158 8.20 -1.50 -7.41
C CYS B 158 7.79 -0.10 -6.95
N ASN B 159 7.29 0.76 -7.83
CA ASN B 159 6.89 2.17 -7.55
CA ASN B 159 6.87 2.14 -7.51
C ASN B 159 8.06 2.92 -6.91
N LYS B 160 9.25 2.78 -7.51
CA LYS B 160 10.48 3.51 -7.13
C LYS B 160 10.94 4.35 -8.33
N THR B 161 11.43 5.56 -8.06
CA THR B 161 12.03 6.45 -9.08
C THR B 161 13.54 6.21 -9.13
N VAL B 162 14.13 6.62 -10.25
CA VAL B 162 15.60 6.64 -10.44
C VAL B 162 16.18 7.46 -9.30
N GLY B 163 17.22 6.98 -8.62
CA GLY B 163 17.91 7.73 -7.55
C GLY B 163 17.41 7.38 -6.16
N GLU B 164 16.24 6.79 -6.03
CA GLU B 164 15.66 6.36 -4.75
C GLU B 164 16.48 5.18 -4.20
N LEU B 165 16.83 5.21 -2.92
CA LEU B 165 17.55 4.07 -2.27
C LEU B 165 16.66 2.84 -2.36
N GLY B 166 17.23 1.68 -2.65
CA GLY B 166 16.44 0.45 -2.82
C GLY B 166 16.97 -0.69 -1.96
N ASP B 167 16.16 -1.74 -1.89
CA ASP B 167 16.39 -2.93 -1.04
C ASP B 167 16.28 -4.17 -1.93
N VAL B 168 17.27 -5.03 -1.88
CA VAL B 168 17.29 -6.20 -2.82
C VAL B 168 16.14 -7.12 -2.46
N ARG B 169 15.96 -7.47 -1.20
CA ARG B 169 14.90 -8.40 -0.77
C ARG B 169 13.52 -7.86 -1.17
N GLU B 170 13.25 -6.59 -0.91
CA GLU B 170 11.98 -5.94 -1.31
C GLU B 170 11.82 -6.03 -2.84
N THR B 171 12.87 -5.76 -3.60
CA THR B 171 12.82 -5.79 -5.09
C THR B 171 12.55 -7.20 -5.55
N MET B 172 13.28 -8.19 -5.03
CA MET B 172 13.08 -9.61 -5.44
C MET B 172 11.65 -10.01 -5.06
N SER B 173 11.16 -9.58 -3.91
CA SER B 173 9.78 -9.89 -3.46
C SER B 173 8.73 -9.37 -4.46
N TYR B 174 8.86 -8.13 -4.94
CA TYR B 174 7.94 -7.57 -5.98
C TYR B 174 8.03 -8.36 -7.28
N LEU B 175 9.24 -8.70 -7.72
CA LEU B 175 9.47 -9.42 -8.99
C LEU B 175 8.91 -10.85 -8.88
N PHE B 176 9.07 -11.51 -7.74
CA PHE B 176 8.52 -12.87 -7.52
C PHE B 176 6.99 -12.87 -7.72
N GLN B 177 6.28 -11.80 -7.34
CA GLN B 177 4.81 -11.71 -7.55
C GLN B 177 4.49 -11.79 -9.07
N HIS B 178 5.41 -11.39 -9.95
CA HIS B 178 5.20 -11.37 -11.42
C HIS B 178 5.85 -12.58 -12.07
N ALA B 179 6.26 -13.58 -11.27
CA ALA B 179 6.97 -14.76 -11.79
C ALA B 179 6.11 -15.99 -11.54
N ASN B 180 6.31 -17.03 -12.36
CA ASN B 180 5.57 -18.30 -12.22
C ASN B 180 6.23 -19.15 -11.13
N LEU B 181 5.77 -18.99 -9.90
CA LEU B 181 6.28 -19.76 -8.75
C LEU B 181 5.17 -20.64 -8.21
N ASP B 182 4.24 -21.04 -9.08
CA ASP B 182 2.97 -21.72 -8.70
C ASP B 182 3.24 -23.13 -8.21
N SER B 183 4.15 -23.87 -8.84
CA SER B 183 4.47 -25.27 -8.47
C SER B 183 5.46 -25.31 -7.29
N CYS B 184 5.86 -24.17 -6.72
CA CYS B 184 6.85 -24.11 -5.61
C CYS B 184 6.17 -24.44 -4.30
N LYS B 185 6.76 -25.34 -3.52
CA LYS B 185 6.14 -25.88 -2.29
C LYS B 185 7.22 -25.98 -1.22
N ARG B 186 6.88 -25.58 0.01
CA ARG B 186 7.76 -25.72 1.19
C ARG B 186 6.95 -26.37 2.30
N VAL B 187 7.51 -27.37 2.95
CA VAL B 187 6.91 -27.97 4.17
C VAL B 187 7.91 -27.74 5.30
N LEU B 188 7.42 -27.11 6.38
CA LEU B 188 8.17 -26.79 7.61
C LEU B 188 7.58 -27.60 8.76
N ASN B 189 8.42 -28.00 9.70
CA ASN B 189 7.95 -28.55 10.99
C ASN B 189 8.52 -27.69 12.11
N VAL B 190 7.66 -27.33 13.08
CA VAL B 190 8.04 -26.58 14.30
C VAL B 190 7.79 -27.50 15.49
N VAL B 191 8.81 -27.71 16.29
CA VAL B 191 8.78 -28.57 17.51
C VAL B 191 9.03 -27.69 18.73
N CYS B 192 8.10 -27.74 19.66
CA CYS B 192 8.24 -27.14 21.00
C CYS B 192 8.01 -28.26 22.02
N LYS B 193 8.89 -28.41 23.02
CA LYS B 193 8.77 -29.48 24.06
C LYS B 193 7.38 -29.40 24.72
N THR B 194 6.83 -28.19 24.89
CA THR B 194 5.53 -27.92 25.56
C THR B 194 4.38 -28.08 24.57
N CYS B 195 4.43 -27.39 23.45
CA CYS B 195 3.29 -27.12 22.55
C CYS B 195 3.08 -28.26 21.54
N GLY B 196 4.02 -29.18 21.39
CA GLY B 196 3.96 -30.28 20.40
C GLY B 196 4.52 -29.83 19.06
N GLN B 197 4.26 -30.61 18.01
CA GLN B 197 4.72 -30.36 16.61
C GLN B 197 3.59 -29.77 15.77
N GLN B 198 3.88 -28.75 14.97
CA GLN B 198 2.97 -28.16 13.97
C GLN B 198 3.72 -28.14 12.63
N GLN B 199 3.14 -28.76 11.61
CA GLN B 199 3.63 -28.74 10.22
C GLN B 199 2.90 -27.61 9.49
N THR B 200 3.59 -26.85 8.66
CA THR B 200 3.02 -25.79 7.80
C THR B 200 3.50 -26.02 6.37
N THR B 201 2.60 -26.03 5.40
CA THR B 201 2.89 -26.05 3.95
C THR B 201 2.69 -24.64 3.38
N LEU B 202 3.71 -24.13 2.68
CA LEU B 202 3.67 -22.81 2.03
C LEU B 202 3.75 -22.99 0.50
N LYS B 203 3.18 -22.05 -0.25
CA LYS B 203 3.18 -22.12 -1.74
C LYS B 203 3.70 -20.78 -2.28
N GLY B 204 4.16 -20.79 -3.53
CA GLY B 204 4.52 -19.57 -4.27
C GLY B 204 5.70 -18.86 -3.64
N VAL B 205 5.59 -17.55 -3.51
CA VAL B 205 6.71 -16.69 -3.03
C VAL B 205 7.08 -17.09 -1.62
N GLU B 206 6.11 -17.37 -0.74
CA GLU B 206 6.32 -17.78 0.67
C GLU B 206 7.11 -19.11 0.71
N ALA B 207 7.09 -19.92 -0.37
CA ALA B 207 7.81 -21.22 -0.43
C ALA B 207 9.30 -21.03 -0.77
N VAL B 208 9.70 -19.87 -1.30
CA VAL B 208 11.13 -19.67 -1.73
C VAL B 208 11.82 -18.58 -0.90
N MET B 209 11.10 -17.76 -0.14
CA MET B 209 11.70 -16.66 0.67
C MET B 209 11.62 -17.01 2.14
N TYR B 210 12.72 -16.85 2.84
CA TYR B 210 12.82 -16.98 4.33
C TYR B 210 13.67 -15.84 4.88
N MET B 211 13.17 -15.20 5.93
CA MET B 211 13.86 -14.13 6.69
C MET B 211 14.18 -14.68 8.08
N GLY B 212 15.45 -14.71 8.46
CA GLY B 212 15.89 -15.17 9.79
C GLY B 212 17.27 -15.79 9.77
N THR B 213 17.67 -16.43 8.68
CA THR B 213 19.00 -17.06 8.57
C THR B 213 19.43 -17.07 7.11
N LEU B 214 20.73 -16.92 6.89
CA LEU B 214 21.36 -16.96 5.54
C LEU B 214 21.59 -18.43 5.13
N SER B 215 21.63 -19.33 6.11
CA SER B 215 22.22 -20.68 5.91
C SER B 215 21.09 -21.67 5.56
N TYR B 216 21.12 -22.22 4.35
CA TYR B 216 20.16 -23.26 3.90
C TYR B 216 20.33 -24.49 4.78
N GLU B 217 21.59 -24.90 4.99
CA GLU B 217 21.95 -26.04 5.87
C GLU B 217 21.35 -25.87 7.27
N GLN B 218 21.52 -24.68 7.88
CA GLN B 218 20.99 -24.39 9.23
C GLN B 218 19.46 -24.55 9.22
N PHE B 219 18.81 -24.08 8.16
CA PHE B 219 17.33 -24.16 8.01
C PHE B 219 16.91 -25.63 7.98
N LYS B 220 17.73 -26.51 7.36
CA LYS B 220 17.44 -27.97 7.30
C LYS B 220 17.65 -28.62 8.67
N LYS B 221 18.63 -28.15 9.44
CA LYS B 221 19.01 -28.78 10.73
C LYS B 221 18.13 -28.26 11.88
N GLY B 222 17.63 -27.03 11.79
CA GLY B 222 16.68 -26.47 12.76
C GLY B 222 17.15 -25.11 13.19
N VAL B 223 16.30 -24.10 13.09
CA VAL B 223 16.54 -22.73 13.62
C VAL B 223 15.63 -22.54 14.83
N GLN B 224 16.16 -21.90 15.88
CA GLN B 224 15.40 -21.60 17.12
C GLN B 224 14.58 -20.32 16.92
N ILE B 225 13.30 -20.34 17.26
CA ILE B 225 12.37 -19.18 17.13
C ILE B 225 11.49 -19.13 18.37
N PRO B 226 11.06 -17.92 18.77
CA PRO B 226 10.18 -17.78 19.92
C PRO B 226 8.83 -18.47 19.63
N CYS B 227 8.29 -19.15 20.62
CA CYS B 227 6.97 -19.79 20.61
C CYS B 227 6.06 -19.07 21.60
N THR B 228 4.75 -19.12 21.36
CA THR B 228 3.73 -18.36 22.12
C THR B 228 3.69 -18.85 23.57
N CYS B 229 4.20 -20.05 23.85
CA CYS B 229 4.30 -20.59 25.23
C CYS B 229 5.40 -19.88 26.03
N GLY B 230 6.22 -19.01 25.40
CA GLY B 230 7.27 -18.23 26.09
C GLY B 230 8.68 -18.83 25.97
N LYS B 231 8.82 -19.99 25.32
CA LYS B 231 10.13 -20.68 25.13
CA LYS B 231 10.11 -20.70 25.12
C LYS B 231 10.55 -20.59 23.66
N GLN B 232 11.77 -21.01 23.36
CA GLN B 232 12.25 -21.22 21.98
C GLN B 232 11.77 -22.60 21.53
N ALA B 233 11.17 -22.66 20.35
CA ALA B 233 10.85 -23.88 19.58
C ALA B 233 11.90 -24.00 18.48
N THR B 234 11.92 -25.10 17.74
CA THR B 234 12.86 -25.31 16.61
C THR B 234 12.07 -25.50 15.34
N LYS B 235 12.36 -24.68 14.33
CA LYS B 235 11.73 -24.75 12.99
C LYS B 235 12.72 -25.45 12.06
N TYR B 236 12.27 -26.43 11.28
CA TYR B 236 13.14 -27.09 10.27
C TYR B 236 12.38 -27.37 8.96
N LEU B 237 13.14 -27.29 7.87
CA LEU B 237 12.68 -27.61 6.52
C LEU B 237 12.45 -29.12 6.42
N VAL B 238 11.23 -29.53 6.12
CA VAL B 238 10.85 -30.96 5.92
C VAL B 238 10.97 -31.26 4.42
N GLN B 239 10.52 -30.34 3.58
CA GLN B 239 10.43 -30.59 2.13
C GLN B 239 10.45 -29.27 1.36
N GLN B 240 11.15 -29.28 0.23
CA GLN B 240 11.32 -28.12 -0.67
C GLN B 240 11.23 -28.60 -2.12
N GLU B 241 10.30 -28.06 -2.89
CA GLU B 241 10.17 -28.28 -4.35
C GLU B 241 10.23 -26.88 -4.96
N SER B 242 11.42 -26.49 -5.43
CA SER B 242 11.64 -25.18 -6.10
C SER B 242 12.99 -25.22 -6.81
N PRO B 243 13.14 -24.42 -7.88
CA PRO B 243 14.40 -24.37 -8.61
C PRO B 243 15.45 -23.56 -7.85
N PHE B 244 15.02 -22.74 -6.88
CA PHE B 244 15.94 -21.99 -5.98
C PHE B 244 15.26 -21.68 -4.65
N VAL B 245 16.07 -21.26 -3.68
CA VAL B 245 15.60 -20.68 -2.41
C VAL B 245 16.44 -19.41 -2.16
N MET B 246 15.79 -18.43 -1.53
CA MET B 246 16.38 -17.15 -1.10
C MET B 246 16.31 -17.08 0.43
N MET B 247 17.47 -17.04 1.07
CA MET B 247 17.59 -16.94 2.54
C MET B 247 18.10 -15.54 2.86
N SER B 248 17.38 -14.82 3.73
CA SER B 248 17.62 -13.40 4.08
C SER B 248 17.74 -13.24 5.60
N ALA B 249 18.44 -12.19 6.01
CA ALA B 249 18.64 -11.80 7.42
C ALA B 249 19.15 -10.36 7.45
N PRO B 250 18.91 -9.63 8.54
CA PRO B 250 19.56 -8.35 8.78
C PRO B 250 21.05 -8.48 8.49
N PRO B 251 21.68 -7.51 7.81
CA PRO B 251 23.09 -7.65 7.43
C PRO B 251 23.93 -7.94 8.68
N ALA B 252 24.81 -8.92 8.58
CA ALA B 252 25.67 -9.38 9.69
C ALA B 252 26.90 -10.02 9.05
N GLN B 253 28.07 -9.80 9.65
CA GLN B 253 29.35 -10.44 9.23
C GLN B 253 29.10 -11.93 9.01
N TYR B 254 29.40 -12.42 7.83
CA TYR B 254 29.07 -13.81 7.41
C TYR B 254 30.17 -14.35 6.49
N GLU B 255 30.51 -15.64 6.61
CA GLU B 255 31.51 -16.28 5.74
C GLU B 255 30.80 -17.05 4.63
N LEU B 256 31.05 -16.66 3.38
CA LEU B 256 30.57 -17.39 2.18
C LEU B 256 31.63 -18.41 1.79
N LYS B 257 31.24 -19.67 1.62
CA LYS B 257 32.17 -20.77 1.23
C LYS B 257 31.89 -21.14 -0.23
N HIS B 258 32.94 -21.11 -1.04
CA HIS B 258 32.95 -21.57 -2.46
C HIS B 258 32.25 -22.93 -2.57
N GLY B 259 31.34 -23.06 -3.54
CA GLY B 259 30.61 -24.30 -3.88
C GLY B 259 29.42 -24.60 -2.96
N THR B 260 29.09 -23.76 -1.98
CA THR B 260 28.01 -24.06 -0.98
C THR B 260 26.80 -23.15 -1.20
N PHE B 261 26.85 -22.25 -2.18
CA PHE B 261 25.76 -21.31 -2.52
C PHE B 261 25.96 -20.89 -3.98
N THR B 262 24.91 -20.34 -4.60
CA THR B 262 24.91 -19.84 -5.99
C THR B 262 25.42 -18.39 -6.02
N CYS B 263 24.72 -17.47 -5.33
CA CYS B 263 25.14 -16.04 -5.23
C CYS B 263 24.53 -15.40 -3.98
N ALA B 264 25.01 -14.20 -3.64
CA ALA B 264 24.67 -13.49 -2.38
C ALA B 264 24.77 -11.97 -2.59
N SER B 265 24.12 -11.27 -1.68
CA SER B 265 24.06 -9.79 -1.63
C SER B 265 24.75 -9.36 -0.35
N GLU B 266 25.79 -8.55 -0.49
CA GLU B 266 26.46 -7.85 0.62
C GLU B 266 25.86 -6.44 0.76
N TYR B 267 25.52 -6.03 1.97
CA TYR B 267 25.10 -4.64 2.27
C TYR B 267 25.99 -4.08 3.38
N THR B 268 26.84 -3.11 2.99
CA THR B 268 27.73 -2.30 3.87
C THR B 268 27.11 -0.93 4.11
N GLY B 269 26.98 -0.51 5.37
CA GLY B 269 26.61 0.87 5.76
C GLY B 269 25.60 0.83 6.88
N ASN B 270 24.49 1.55 6.75
CA ASN B 270 23.54 1.73 7.87
C ASN B 270 22.10 1.51 7.40
N TYR B 271 21.16 1.61 8.33
CA TYR B 271 19.73 1.37 8.07
C TYR B 271 19.26 2.29 6.93
N GLN B 272 19.75 3.53 6.86
CA GLN B 272 19.13 4.57 6.02
C GLN B 272 19.91 4.77 4.71
N CYS B 273 21.19 4.42 4.65
CA CYS B 273 21.96 4.43 3.39
C CYS B 273 23.21 3.58 3.54
N GLY B 274 23.64 2.99 2.45
CA GLY B 274 24.74 2.03 2.37
C GLY B 274 24.92 1.62 0.92
N HIS B 275 25.52 0.47 0.68
CA HIS B 275 25.98 0.08 -0.67
C HIS B 275 25.90 -1.44 -0.75
N TYR B 276 25.30 -1.94 -1.83
CA TYR B 276 25.19 -3.38 -2.12
C TYR B 276 26.33 -3.80 -3.06
N LYS B 277 26.86 -5.00 -2.83
CA LYS B 277 27.70 -5.77 -3.79
C LYS B 277 27.09 -7.16 -3.97
N HIS B 278 27.50 -7.82 -5.05
CA HIS B 278 27.04 -9.17 -5.45
C HIS B 278 28.24 -10.12 -5.33
N ILE B 279 28.06 -11.25 -4.66
CA ILE B 279 29.11 -12.30 -4.58
C ILE B 279 28.56 -13.53 -5.29
N THR B 280 29.33 -14.11 -6.22
CA THR B 280 28.90 -15.32 -6.98
C THR B 280 29.97 -16.40 -6.85
N SER B 281 29.52 -17.64 -6.64
CA SER B 281 30.36 -18.85 -6.55
C SER B 281 30.48 -19.49 -7.94
N LYS B 282 31.64 -19.31 -8.60
CA LYS B 282 31.98 -19.94 -9.91
C LYS B 282 33.09 -20.97 -9.63
N GLU B 283 34.24 -20.89 -10.33
CA GLU B 283 35.42 -21.76 -10.08
C GLU B 283 36.19 -21.21 -8.86
N THR B 284 35.92 -19.94 -8.53
CA THR B 284 36.33 -19.25 -7.28
C THR B 284 35.22 -18.24 -6.94
N LEU B 285 35.41 -17.44 -5.88
CA LEU B 285 34.41 -16.42 -5.50
C LEU B 285 34.69 -15.14 -6.25
N TYR B 286 33.64 -14.55 -6.80
CA TYR B 286 33.69 -13.23 -7.49
C TYR B 286 32.83 -12.24 -6.73
N CYS B 287 33.39 -11.07 -6.48
CA CYS B 287 32.66 -9.90 -5.95
C CYS B 287 32.41 -8.94 -7.12
N ILE B 288 31.17 -8.86 -7.58
CA ILE B 288 30.76 -7.93 -8.66
C ILE B 288 30.16 -6.69 -8.00
N ASP B 289 30.82 -5.53 -8.18
CA ASP B 289 30.39 -4.23 -7.63
C ASP B 289 30.13 -3.27 -8.80
N GLY B 290 28.95 -3.37 -9.43
CA GLY B 290 28.69 -2.67 -10.69
C GLY B 290 29.61 -3.12 -11.80
N ALA B 291 30.52 -2.25 -12.24
CA ALA B 291 31.51 -2.48 -13.32
C ALA B 291 32.78 -3.12 -12.74
N LEU B 292 32.99 -3.00 -11.43
CA LEU B 292 34.23 -3.47 -10.75
C LEU B 292 34.06 -4.93 -10.41
N LEU B 293 35.14 -5.70 -10.59
CA LEU B 293 35.23 -7.15 -10.32
C LEU B 293 36.45 -7.41 -9.44
N THR B 294 36.31 -8.16 -8.35
CA THR B 294 37.45 -8.71 -7.58
C THR B 294 37.20 -10.21 -7.36
N LYS B 295 38.24 -11.00 -7.17
CA LYS B 295 38.08 -12.45 -6.93
C LYS B 295 38.92 -12.84 -5.71
N SER B 296 38.49 -13.90 -5.02
CA SER B 296 39.16 -14.45 -3.82
C SER B 296 38.76 -15.92 -3.68
N SER B 297 39.53 -16.68 -2.93
CA SER B 297 39.18 -18.08 -2.56
C SER B 297 38.18 -18.04 -1.39
N GLU B 298 38.14 -16.95 -0.62
CA GLU B 298 37.30 -16.81 0.59
C GLU B 298 36.69 -15.39 0.67
N TYR B 299 35.54 -15.29 1.31
CA TYR B 299 34.77 -14.02 1.43
C TYR B 299 34.11 -13.94 2.81
N LYS B 300 34.31 -12.77 3.43
CA LYS B 300 33.65 -12.32 4.69
CA LYS B 300 33.58 -12.34 4.66
C LYS B 300 33.11 -10.90 4.47
N GLY B 301 31.83 -10.66 4.80
CA GLY B 301 31.19 -9.35 4.68
C GLY B 301 29.79 -9.37 5.28
N PRO B 302 29.17 -8.18 5.38
CA PRO B 302 27.81 -8.07 5.90
C PRO B 302 26.85 -8.53 4.81
N ILE B 303 26.49 -9.81 4.87
CA ILE B 303 25.59 -10.45 3.87
C ILE B 303 24.14 -10.31 4.39
N THR B 304 23.20 -9.99 3.49
CA THR B 304 21.75 -9.89 3.75
C THR B 304 20.96 -10.98 3.02
N ASP B 305 21.43 -11.50 1.89
CA ASP B 305 20.63 -12.43 1.04
C ASP B 305 21.58 -13.46 0.42
N VAL B 306 21.21 -14.74 0.48
CA VAL B 306 21.96 -15.85 -0.13
C VAL B 306 20.98 -16.69 -0.93
N PHE B 307 21.33 -16.98 -2.18
CA PHE B 307 20.49 -17.76 -3.13
C PHE B 307 21.15 -19.13 -3.28
N TYR B 308 20.36 -20.18 -3.27
CA TYR B 308 20.80 -21.58 -3.41
C TYR B 308 19.97 -22.25 -4.50
N LYS B 309 20.63 -23.15 -5.24
CA LYS B 309 19.98 -23.95 -6.30
C LYS B 309 19.21 -25.04 -5.57
N GLU B 310 18.09 -25.46 -6.10
CA GLU B 310 17.29 -26.55 -5.51
C GLU B 310 16.59 -27.25 -6.67
N ASN B 311 16.10 -28.45 -6.42
CA ASN B 311 15.19 -29.22 -7.30
CA ASN B 311 15.14 -29.14 -7.31
C ASN B 311 14.07 -29.75 -6.40
N SER B 312 14.46 -30.69 -5.55
CA SER B 312 13.56 -31.47 -4.67
C SER B 312 14.35 -31.93 -3.44
N TYR B 313 13.94 -31.46 -2.27
CA TYR B 313 14.61 -31.84 -1.00
C TYR B 313 13.58 -32.47 -0.08
N THR B 314 13.98 -33.56 0.56
CA THR B 314 13.22 -34.28 1.61
C THR B 314 14.18 -34.59 2.76
N THR B 315 13.80 -34.20 3.98
CA THR B 315 14.60 -34.36 5.21
C THR B 315 14.82 -35.85 5.47
N THR B 316 15.85 -36.19 6.26
CA THR B 316 16.09 -37.52 6.87
C THR B 316 15.82 -37.45 8.39
N ILE B 317 15.38 -36.31 8.93
CA ILE B 317 15.06 -36.12 10.38
C ILE B 317 13.79 -36.93 10.72
N VAL C 5 -41.64 12.36 -19.57
CA VAL C 5 -40.56 12.71 -18.54
C VAL C 5 -40.58 14.21 -18.21
N ARG C 6 -40.46 14.53 -16.91
CA ARG C 6 -40.15 15.88 -16.34
C ARG C 6 -38.63 15.96 -16.20
N THR C 7 -38.00 17.00 -16.73
CA THR C 7 -36.53 17.08 -16.78
C THR C 7 -36.12 18.51 -16.45
N ILE C 8 -34.86 18.64 -16.06
CA ILE C 8 -34.14 19.94 -15.99
C ILE C 8 -32.76 19.70 -16.57
N LYS C 9 -32.01 20.78 -16.84
CA LYS C 9 -30.59 20.69 -17.24
C LYS C 9 -29.75 21.06 -16.02
N VAL C 10 -28.71 20.27 -15.79
CA VAL C 10 -27.65 20.53 -14.78
C VAL C 10 -26.28 20.35 -15.45
N PHE C 11 -25.23 20.82 -14.80
CA PHE C 11 -23.83 20.53 -15.19
C PHE C 11 -23.33 19.43 -14.28
N THR C 12 -22.59 18.47 -14.84
CA THR C 12 -21.72 17.52 -14.10
C THR C 12 -20.29 17.91 -14.36
N THR C 13 -19.41 17.54 -13.44
CA THR C 13 -17.98 17.87 -13.50
C THR C 13 -17.20 16.90 -12.61
N VAL C 14 -15.89 16.79 -12.85
CA VAL C 14 -14.91 16.23 -11.89
C VAL C 14 -13.93 17.32 -11.41
N ASP C 15 -13.83 18.48 -12.07
CA ASP C 15 -12.75 19.47 -11.81
C ASP C 15 -13.32 20.87 -11.54
N ASN C 16 -14.63 21.06 -11.70
CA ASN C 16 -15.33 22.36 -11.53
C ASN C 16 -14.80 23.40 -12.51
N ILE C 17 -14.17 22.95 -13.60
CA ILE C 17 -13.68 23.82 -14.72
C ILE C 17 -14.42 23.36 -15.98
N ASN C 18 -14.26 22.08 -16.34
CA ASN C 18 -15.04 21.45 -17.44
C ASN C 18 -16.39 21.02 -16.87
N LEU C 19 -17.44 21.67 -17.37
CA LEU C 19 -18.85 21.47 -16.99
C LEU C 19 -19.51 20.74 -18.16
N HIS C 20 -20.28 19.69 -17.89
CA HIS C 20 -20.95 18.86 -18.92
C HIS C 20 -22.47 18.95 -18.72
N THR C 21 -23.18 19.52 -19.69
CA THR C 21 -24.65 19.61 -19.74
C THR C 21 -25.23 18.21 -19.66
N GLN C 22 -26.21 18.00 -18.77
CA GLN C 22 -27.04 16.78 -18.71
C GLN C 22 -28.50 17.21 -18.61
N VAL C 23 -29.38 16.47 -19.29
CA VAL C 23 -30.85 16.47 -19.03
C VAL C 23 -31.11 15.38 -18.00
N VAL C 24 -31.63 15.74 -16.83
CA VAL C 24 -31.94 14.74 -15.77
C VAL C 24 -33.45 14.55 -15.68
N ASP C 25 -33.83 13.31 -15.41
CA ASP C 25 -35.20 12.84 -15.14
C ASP C 25 -35.50 13.16 -13.67
N MET C 26 -36.51 13.99 -13.43
CA MET C 26 -36.84 14.45 -12.06
C MET C 26 -37.56 13.32 -11.28
N SER C 27 -38.00 12.28 -11.97
CA SER C 27 -38.69 11.10 -11.38
C SER C 27 -37.67 10.08 -10.85
N MET C 28 -36.39 10.21 -11.19
CA MET C 28 -35.32 9.29 -10.71
C MET C 28 -34.33 10.07 -9.84
N THR C 29 -33.63 9.37 -8.94
CA THR C 29 -32.62 10.02 -8.09
C THR C 29 -31.43 10.40 -8.97
N TYR C 30 -30.53 11.23 -8.45
CA TYR C 30 -29.24 11.52 -9.11
C TYR C 30 -28.47 10.20 -9.23
N GLY C 31 -28.39 9.44 -8.12
CA GLY C 31 -27.76 8.12 -8.03
C GLY C 31 -28.12 7.22 -9.22
N GLN C 32 -29.39 7.13 -9.58
CA GLN C 32 -29.88 6.22 -10.65
C GLN C 32 -29.51 6.74 -12.04
N GLN C 33 -29.02 7.98 -12.17
CA GLN C 33 -28.74 8.60 -13.50
C GLN C 33 -27.24 8.76 -13.68
N PHE C 34 -26.53 9.09 -12.60
CA PHE C 34 -25.12 9.52 -12.60
C PHE C 34 -24.25 8.63 -11.70
N GLY C 35 -24.88 7.81 -10.84
CA GLY C 35 -24.17 7.23 -9.68
C GLY C 35 -23.88 8.31 -8.63
N PRO C 36 -22.91 8.08 -7.74
CA PRO C 36 -22.57 9.03 -6.68
C PRO C 36 -22.44 10.45 -7.24
N THR C 37 -23.17 11.39 -6.62
CA THR C 37 -23.37 12.79 -7.04
C THR C 37 -23.26 13.72 -5.83
N TYR C 38 -22.49 14.80 -5.95
CA TYR C 38 -22.27 15.77 -4.85
C TYR C 38 -22.56 17.18 -5.34
N LEU C 39 -23.22 17.95 -4.46
CA LEU C 39 -23.50 19.38 -4.63
C LEU C 39 -22.76 20.13 -3.51
N ASP C 40 -21.68 20.85 -3.87
CA ASP C 40 -20.67 21.47 -2.96
CA ASP C 40 -20.81 21.55 -2.90
C ASP C 40 -20.51 20.63 -1.70
N GLY C 41 -20.25 19.34 -1.92
CA GLY C 41 -19.81 18.40 -0.87
C GLY C 41 -20.93 17.51 -0.32
N ALA C 42 -22.18 18.01 -0.31
CA ALA C 42 -23.40 17.27 0.11
C ALA C 42 -23.64 16.09 -0.84
N ASP C 43 -23.74 14.88 -0.29
CA ASP C 43 -24.13 13.66 -1.04
C ASP C 43 -25.61 13.81 -1.42
N VAL C 44 -25.93 13.91 -2.72
CA VAL C 44 -27.33 14.03 -3.19
C VAL C 44 -27.68 12.81 -4.04
N THR C 45 -26.92 11.74 -3.89
CA THR C 45 -27.10 10.47 -4.64
C THR C 45 -28.55 9.98 -4.52
N LYS C 46 -29.16 10.09 -3.35
CA LYS C 46 -30.49 9.48 -3.06
C LYS C 46 -31.60 10.52 -3.24
N ILE C 47 -31.27 11.78 -3.59
CA ILE C 47 -32.23 12.89 -3.81
C ILE C 47 -32.75 12.84 -5.25
N LYS C 48 -34.02 13.20 -5.46
CA LYS C 48 -34.60 13.47 -6.80
C LYS C 48 -34.30 14.89 -7.21
N PRO C 49 -33.97 15.16 -8.50
CA PRO C 49 -33.71 16.52 -8.97
C PRO C 49 -34.95 17.39 -8.71
N HIS C 50 -34.72 18.62 -8.28
CA HIS C 50 -35.76 19.64 -8.01
C HIS C 50 -35.47 20.80 -8.95
N ASN C 51 -36.51 21.53 -9.40
CA ASN C 51 -36.34 22.56 -10.45
C ASN C 51 -35.41 23.67 -9.93
N SER C 52 -35.17 23.79 -8.62
CA SER C 52 -34.21 24.78 -8.04
C SER C 52 -32.76 24.34 -8.31
N HIS C 53 -32.55 23.09 -8.70
CA HIS C 53 -31.22 22.55 -9.11
C HIS C 53 -30.83 23.01 -10.51
N GLU C 54 -31.77 23.48 -11.33
CA GLU C 54 -31.50 23.82 -12.75
C GLU C 54 -30.26 24.70 -12.87
N GLY C 55 -29.38 24.40 -13.82
CA GLY C 55 -28.15 25.18 -14.07
C GLY C 55 -27.08 24.98 -13.02
N LYS C 56 -27.29 24.16 -11.99
CA LYS C 56 -26.24 24.02 -10.94
C LYS C 56 -25.22 22.96 -11.36
N THR C 57 -24.07 22.99 -10.70
CA THR C 57 -22.89 22.12 -10.98
C THR C 57 -22.82 20.99 -9.93
N PHE C 58 -22.88 19.74 -10.38
CA PHE C 58 -22.77 18.54 -9.53
C PHE C 58 -21.44 17.85 -9.83
N TYR C 59 -20.70 17.48 -8.80
CA TYR C 59 -19.55 16.57 -8.93
C TYR C 59 -20.08 15.14 -9.09
N VAL C 60 -19.50 14.38 -10.03
CA VAL C 60 -19.74 12.90 -10.20
C VAL C 60 -18.38 12.18 -10.21
N LEU C 61 -18.42 10.84 -10.19
CA LEU C 61 -17.21 10.01 -10.29
C LEU C 61 -16.84 9.90 -11.77
N PRO C 62 -15.54 9.86 -12.09
CA PRO C 62 -15.10 9.68 -13.47
C PRO C 62 -15.39 8.26 -14.02
N ASN C 63 -16.54 8.08 -14.66
CA ASN C 63 -17.00 6.75 -15.14
C ASN C 63 -16.97 6.69 -16.68
N ASP C 64 -16.31 7.65 -17.36
CA ASP C 64 -16.10 7.65 -18.83
C ASP C 64 -14.73 8.28 -19.16
N ASP C 65 -14.33 8.16 -20.42
CA ASP C 65 -12.99 8.55 -20.95
C ASP C 65 -12.77 10.06 -20.75
N THR C 66 -13.78 10.88 -21.06
CA THR C 66 -13.75 12.35 -20.90
C THR C 66 -13.48 12.69 -19.43
N LEU C 67 -14.27 12.17 -18.50
CA LEU C 67 -14.12 12.51 -17.07
C LEU C 67 -12.83 11.89 -16.51
N ARG C 68 -12.44 10.71 -16.98
CA ARG C 68 -11.18 10.08 -16.53
C ARG C 68 -10.01 10.99 -16.88
N VAL C 69 -9.94 11.46 -18.13
CA VAL C 69 -8.84 12.34 -18.58
C VAL C 69 -8.87 13.66 -17.78
N GLU C 70 -10.03 14.32 -17.63
CA GLU C 70 -10.11 15.60 -16.86
C GLU C 70 -9.68 15.37 -15.39
N ALA C 71 -10.07 14.26 -14.76
CA ALA C 71 -9.70 13.98 -13.35
C ALA C 71 -8.18 13.72 -13.28
N PHE C 72 -7.68 12.91 -14.20
CA PHE C 72 -6.23 12.58 -14.27
C PHE C 72 -5.41 13.88 -14.35
N GLU C 73 -5.78 14.77 -15.27
CA GLU C 73 -5.12 16.07 -15.54
C GLU C 73 -5.16 16.95 -14.28
N TYR C 74 -6.28 16.96 -13.55
CA TYR C 74 -6.51 17.97 -12.49
C TYR C 74 -5.96 17.47 -11.15
N TYR C 75 -6.15 16.19 -10.83
CA TYR C 75 -5.83 15.60 -9.51
C TYR C 75 -4.53 14.79 -9.57
N HIS C 76 -4.11 14.36 -10.76
CA HIS C 76 -2.94 13.47 -10.99
C HIS C 76 -3.24 12.10 -10.36
N THR C 77 -4.49 11.65 -10.44
CA THR C 77 -4.92 10.33 -9.91
C THR C 77 -5.87 9.69 -10.89
N THR C 78 -5.81 8.36 -10.90
CA THR C 78 -6.57 7.45 -11.79
C THR C 78 -7.89 7.14 -11.06
N ASP C 79 -7.74 6.94 -9.75
CA ASP C 79 -8.71 6.25 -8.86
C ASP C 79 -10.02 7.03 -8.80
N PRO C 80 -11.12 6.49 -9.36
CA PRO C 80 -12.42 7.14 -9.27
C PRO C 80 -12.92 7.33 -7.83
N SER C 81 -12.52 6.46 -6.89
CA SER C 81 -12.80 6.60 -5.43
C SER C 81 -12.24 7.92 -4.91
N PHE C 82 -11.21 8.49 -5.55
CA PHE C 82 -10.56 9.76 -5.14
C PHE C 82 -11.62 10.85 -4.99
N LEU C 83 -12.47 11.03 -6.01
CA LEU C 83 -13.50 12.11 -5.99
C LEU C 83 -14.42 11.91 -4.79
N GLY C 84 -14.87 10.68 -4.58
CA GLY C 84 -15.75 10.32 -3.46
C GLY C 84 -15.11 10.71 -2.15
N ARG C 85 -13.82 10.40 -2.00
CA ARG C 85 -13.06 10.70 -0.78
C ARG C 85 -12.92 12.22 -0.65
N TYR C 86 -12.66 12.92 -1.76
CA TYR C 86 -12.53 14.41 -1.74
C TYR C 86 -13.87 15.00 -1.30
N MET C 87 -14.96 14.56 -1.94
CA MET C 87 -16.30 15.17 -1.70
C MET C 87 -16.76 14.85 -0.27
N SER C 88 -16.55 13.62 0.24
CA SER C 88 -16.93 13.21 1.62
C SER C 88 -16.21 14.07 2.67
N ALA C 89 -14.90 14.32 2.50
CA ALA C 89 -14.10 15.16 3.42
C ALA C 89 -14.57 16.62 3.34
N LEU C 90 -14.78 17.13 2.12
CA LEU C 90 -15.19 18.54 1.86
C LEU C 90 -16.49 18.87 2.60
N ASN C 91 -17.46 17.95 2.65
CA ASN C 91 -18.75 18.12 3.36
C ASN C 91 -18.51 18.51 4.83
N HIS C 92 -17.44 18.01 5.44
CA HIS C 92 -17.03 18.35 6.82
C HIS C 92 -16.13 19.57 6.80
N THR C 93 -15.11 19.63 5.92
CA THR C 93 -14.09 20.72 6.02
C THR C 93 -14.73 22.09 5.75
N LYS C 94 -15.83 22.14 4.98
CA LYS C 94 -16.52 23.42 4.64
C LYS C 94 -17.20 23.95 5.89
N LYS C 95 -17.40 23.13 6.92
CA LYS C 95 -18.00 23.56 8.22
C LYS C 95 -16.92 23.87 9.26
N TRP C 96 -15.64 23.64 8.97
CA TRP C 96 -14.53 24.06 9.87
C TRP C 96 -14.36 25.57 9.78
N LYS C 97 -13.75 26.21 10.78
CA LYS C 97 -13.41 27.65 10.76
C LYS C 97 -11.92 27.78 10.50
N TYR C 98 -11.53 28.78 9.71
CA TYR C 98 -10.14 28.98 9.21
C TYR C 98 -9.69 30.38 9.61
N PRO C 99 -9.42 30.61 10.92
CA PRO C 99 -9.06 31.94 11.39
C PRO C 99 -7.66 32.30 10.92
N GLN C 100 -7.41 33.59 10.73
CA GLN C 100 -6.08 34.20 10.54
C GLN C 100 -5.42 34.29 11.91
N VAL C 101 -4.22 33.75 12.05
CA VAL C 101 -3.46 33.72 13.32
C VAL C 101 -2.00 34.05 12.96
N ASN C 102 -1.54 35.26 13.29
CA ASN C 102 -0.14 35.68 13.07
C ASN C 102 0.13 35.72 11.56
N GLY C 103 -0.81 36.26 10.77
CA GLY C 103 -0.72 36.44 9.30
C GLY C 103 -0.83 35.13 8.52
N LEU C 104 -1.25 34.03 9.16
CA LEU C 104 -1.31 32.66 8.58
C LEU C 104 -2.71 32.10 8.72
N THR C 105 -3.14 31.28 7.76
CA THR C 105 -4.44 30.55 7.86
C THR C 105 -4.22 29.33 8.75
N SER C 106 -4.97 29.24 9.84
CA SER C 106 -4.98 28.08 10.77
C SER C 106 -6.33 27.38 10.62
N ILE C 107 -6.57 26.41 11.50
CA ILE C 107 -7.88 25.70 11.56
C ILE C 107 -8.26 25.63 13.02
N LYS C 108 -9.46 26.12 13.32
CA LYS C 108 -10.05 25.94 14.67
C LYS C 108 -10.18 24.44 14.88
N TRP C 109 -9.85 23.97 16.07
CA TRP C 109 -9.80 22.52 16.37
C TRP C 109 -11.18 21.91 16.10
N ALA C 110 -11.21 20.71 15.52
CA ALA C 110 -12.40 19.87 15.28
C ALA C 110 -11.89 18.55 14.69
N ASP C 111 -12.52 17.41 14.98
CA ASP C 111 -12.36 16.12 14.23
C ASP C 111 -10.89 15.68 14.20
N ASN C 112 -10.16 15.89 15.30
CA ASN C 112 -8.73 15.49 15.43
C ASN C 112 -7.92 16.11 14.28
N ASN C 113 -8.18 17.37 13.92
CA ASN C 113 -7.58 18.02 12.73
C ASN C 113 -6.31 18.81 13.11
N CYS C 114 -5.79 18.68 14.33
CA CYS C 114 -4.57 19.40 14.80
C CYS C 114 -3.39 19.12 13.85
N TYR C 115 -3.25 17.88 13.37
CA TYR C 115 -2.14 17.48 12.47
C TYR C 115 -2.23 18.29 11.18
N LEU C 116 -3.43 18.50 10.65
CA LEU C 116 -3.68 19.25 9.40
C LEU C 116 -3.36 20.73 9.61
N ALA C 117 -3.77 21.27 10.74
CA ALA C 117 -3.57 22.70 11.08
C ALA C 117 -2.07 22.99 11.08
N THR C 118 -1.28 22.13 11.73
CA THR C 118 0.19 22.37 11.83
C THR C 118 0.81 22.16 10.43
N ALA C 119 0.32 21.18 9.67
CA ALA C 119 0.76 20.94 8.28
C ALA C 119 0.41 22.16 7.40
N LEU C 120 -0.82 22.68 7.49
CA LEU C 120 -1.25 23.85 6.69
C LEU C 120 -0.38 25.07 7.03
N LEU C 121 -0.24 25.38 8.33
CA LEU C 121 0.64 26.46 8.85
C LEU C 121 2.07 26.30 8.30
N THR C 122 2.60 25.07 8.27
CA THR C 122 3.97 24.77 7.80
C THR C 122 4.11 25.11 6.31
N LEU C 123 3.15 24.69 5.49
CA LEU C 123 3.17 24.86 4.01
C LEU C 123 3.17 26.35 3.63
N GLN C 124 2.63 27.21 4.50
CA GLN C 124 2.58 28.68 4.27
C GLN C 124 3.95 29.28 4.57
N GLN C 125 4.86 28.57 5.21
CA GLN C 125 6.17 29.15 5.64
C GLN C 125 7.33 28.52 4.85
N ILE C 126 7.08 27.55 3.98
CA ILE C 126 8.15 26.91 3.16
C ILE C 126 7.78 27.09 1.68
N GLU C 127 8.81 27.21 0.84
CA GLU C 127 8.72 27.30 -0.65
C GLU C 127 8.51 25.88 -1.19
N LEU C 128 7.29 25.59 -1.59
CA LEU C 128 6.94 24.26 -2.12
C LEU C 128 5.91 24.50 -3.20
N LYS C 129 6.06 23.90 -4.38
CA LYS C 129 5.03 24.04 -5.44
C LYS C 129 4.50 22.65 -5.79
N PHE C 130 3.17 22.54 -5.82
CA PHE C 130 2.44 21.28 -6.08
C PHE C 130 2.33 21.07 -7.60
N ASN C 131 2.48 19.82 -8.06
CA ASN C 131 2.31 19.47 -9.49
C ASN C 131 0.83 19.42 -9.83
N PRO C 132 -0.06 18.73 -9.06
CA PRO C 132 -1.47 18.66 -9.44
C PRO C 132 -2.16 20.02 -9.41
N PRO C 133 -2.76 20.47 -10.53
CA PRO C 133 -3.48 21.75 -10.52
C PRO C 133 -4.48 21.92 -9.37
N ALA C 134 -5.10 20.83 -8.91
CA ALA C 134 -6.14 20.85 -7.85
C ALA C 134 -5.51 21.37 -6.56
N LEU C 135 -4.28 20.92 -6.28
CA LEU C 135 -3.51 21.33 -5.07
C LEU C 135 -3.01 22.77 -5.22
N GLN C 136 -2.51 23.14 -6.41
CA GLN C 136 -2.09 24.54 -6.67
C GLN C 136 -3.27 25.48 -6.39
N ASP C 137 -4.41 25.21 -7.04
CA ASP C 137 -5.63 26.06 -6.92
C ASP C 137 -6.10 26.09 -5.46
N ALA C 138 -6.18 24.94 -4.80
CA ALA C 138 -6.73 24.85 -3.42
C ALA C 138 -5.73 25.49 -2.44
N TYR C 139 -4.43 25.40 -2.68
CA TYR C 139 -3.39 26.02 -1.82
C TYR C 139 -3.47 27.56 -1.89
N TYR C 140 -3.62 28.13 -3.09
CA TYR C 140 -3.74 29.61 -3.21
CA TYR C 140 -3.81 29.60 -3.30
C TYR C 140 -5.03 30.08 -2.53
N ARG C 141 -6.17 29.39 -2.70
CA ARG C 141 -7.41 29.66 -1.90
C ARG C 141 -7.15 29.50 -0.39
N ALA C 142 -6.39 28.49 0.05
CA ALA C 142 -6.06 28.29 1.48
C ALA C 142 -5.21 29.47 2.01
N ARG C 143 -4.25 29.95 1.24
CA ARG C 143 -3.42 31.13 1.64
C ARG C 143 -4.30 32.37 1.84
N ALA C 144 -5.35 32.52 1.02
CA ALA C 144 -6.27 33.69 1.07
C ALA C 144 -7.28 33.51 2.22
N GLY C 145 -7.39 32.31 2.80
CA GLY C 145 -8.22 32.09 4.00
C GLY C 145 -9.34 31.08 3.79
N GLU C 146 -9.60 30.62 2.57
CA GLU C 146 -10.60 29.55 2.31
C GLU C 146 -9.86 28.23 2.05
N ALA C 147 -9.58 27.46 3.11
CA ALA C 147 -8.70 26.27 3.09
C ALA C 147 -9.51 24.96 3.05
N ALA C 148 -10.84 25.07 3.06
CA ALA C 148 -11.80 23.94 3.04
C ALA C 148 -11.40 22.92 1.97
N ASN C 149 -11.17 23.38 0.74
CA ASN C 149 -10.91 22.49 -0.42
C ASN C 149 -9.53 21.86 -0.24
N PHE C 150 -8.56 22.67 0.17
CA PHE C 150 -7.15 22.22 0.35
C PHE C 150 -7.15 21.11 1.41
N CYS C 151 -7.81 21.34 2.53
CA CYS C 151 -7.87 20.38 3.67
C CYS C 151 -8.53 19.06 3.23
N ALA C 152 -9.61 19.10 2.43
CA ALA C 152 -10.29 17.87 1.97
C ALA C 152 -9.42 17.13 0.93
N LEU C 153 -8.61 17.86 0.15
CA LEU C 153 -7.71 17.25 -0.85
C LEU C 153 -6.56 16.54 -0.11
N ILE C 154 -6.03 17.11 0.96
CA ILE C 154 -4.96 16.46 1.77
C ILE C 154 -5.51 15.14 2.35
N LEU C 155 -6.72 15.17 2.93
CA LEU C 155 -7.39 13.96 3.44
C LEU C 155 -7.52 12.91 2.30
N ALA C 156 -7.99 13.30 1.13
CA ALA C 156 -8.22 12.36 0.01
C ALA C 156 -6.87 11.79 -0.46
N TYR C 157 -5.85 12.63 -0.62
CA TYR C 157 -4.51 12.21 -1.10
C TYR C 157 -3.82 11.30 -0.08
N CYS C 158 -4.05 11.51 1.22
CA CYS C 158 -3.42 10.70 2.30
C CYS C 158 -4.27 9.47 2.59
N ASN C 159 -5.43 9.35 1.95
CA ASN C 159 -6.43 8.26 2.16
CA ASN C 159 -6.37 8.22 2.18
C ASN C 159 -6.81 8.24 3.66
N LYS C 160 -7.11 9.42 4.20
CA LYS C 160 -7.59 9.59 5.59
C LYS C 160 -8.97 10.24 5.57
N THR C 161 -9.84 9.82 6.49
CA THR C 161 -11.19 10.40 6.66
C THR C 161 -11.17 11.47 7.75
N VAL C 162 -12.13 12.35 7.70
CA VAL C 162 -12.37 13.39 8.74
C VAL C 162 -12.52 12.65 10.08
N GLY C 163 -11.77 13.05 11.11
CA GLY C 163 -11.80 12.45 12.45
C GLY C 163 -10.72 11.41 12.69
N GLU C 164 -10.11 10.84 11.66
CA GLU C 164 -8.99 9.87 11.83
C GLU C 164 -7.80 10.59 12.48
N LEU C 165 -7.10 9.93 13.42
CA LEU C 165 -5.85 10.48 14.00
C LEU C 165 -4.81 10.58 12.88
N GLY C 166 -4.07 11.68 12.82
CA GLY C 166 -3.11 11.92 11.74
C GLY C 166 -1.72 12.13 12.26
N ASP C 167 -0.76 12.15 11.35
CA ASP C 167 0.67 12.29 11.68
C ASP C 167 1.25 13.32 10.71
N VAL C 168 1.90 14.35 11.25
CA VAL C 168 2.42 15.48 10.42
C VAL C 168 3.49 14.94 9.46
N ARG C 169 4.42 14.12 9.92
CA ARG C 169 5.51 13.60 9.05
CA ARG C 169 5.52 13.59 9.06
C ARG C 169 4.91 12.77 7.90
N GLU C 170 3.96 11.90 8.20
CA GLU C 170 3.26 11.07 7.19
C GLU C 170 2.57 11.98 6.17
N THR C 171 1.88 13.01 6.66
CA THR C 171 1.08 13.93 5.83
C THR C 171 2.02 14.66 4.86
N MET C 172 3.12 15.22 5.38
CA MET C 172 4.10 16.00 4.59
C MET C 172 4.72 15.06 3.56
N SER C 173 5.02 13.83 3.97
CA SER C 173 5.58 12.80 3.06
C SER C 173 4.65 12.59 1.85
N TYR C 174 3.34 12.43 2.07
CA TYR C 174 2.34 12.26 0.97
C TYR C 174 2.34 13.51 0.08
N LEU C 175 2.27 14.68 0.68
CA LEU C 175 2.19 15.95 -0.10
C LEU C 175 3.47 16.14 -0.92
N PHE C 176 4.62 15.72 -0.41
CA PHE C 176 5.93 15.92 -1.05
C PHE C 176 5.98 15.05 -2.32
N GLN C 177 5.35 13.88 -2.30
CA GLN C 177 5.23 13.01 -3.51
C GLN C 177 4.57 13.80 -4.64
N HIS C 178 3.70 14.79 -4.34
CA HIS C 178 2.94 15.59 -5.34
C HIS C 178 3.53 17.00 -5.48
N ALA C 179 4.73 17.24 -4.93
CA ALA C 179 5.44 18.53 -5.06
C ALA C 179 6.56 18.41 -6.11
N ASN C 180 6.99 19.56 -6.64
CA ASN C 180 8.14 19.64 -7.57
C ASN C 180 9.40 19.78 -6.70
N LEU C 181 10.14 18.70 -6.51
CA LEU C 181 11.37 18.68 -5.67
C LEU C 181 12.54 18.16 -6.51
N ASP C 182 12.44 18.23 -7.84
CA ASP C 182 13.40 17.64 -8.80
C ASP C 182 14.76 18.36 -8.70
N SER C 183 14.77 19.64 -8.32
CA SER C 183 15.99 20.46 -8.06
C SER C 183 16.66 20.06 -6.74
N CYS C 184 15.97 19.32 -5.88
CA CYS C 184 16.45 19.07 -4.50
C CYS C 184 17.48 17.96 -4.54
N LYS C 185 18.67 18.25 -4.01
CA LYS C 185 19.76 17.28 -3.91
C LYS C 185 20.39 17.40 -2.53
N ARG C 186 20.91 16.28 -2.03
CA ARG C 186 21.59 16.18 -0.72
C ARG C 186 22.76 15.22 -0.89
N VAL C 187 23.95 15.60 -0.43
CA VAL C 187 25.17 14.74 -0.40
C VAL C 187 25.51 14.51 1.08
N LEU C 188 25.60 13.23 1.47
CA LEU C 188 25.98 12.77 2.82
C LEU C 188 27.30 12.02 2.70
N ASN C 189 28.10 12.10 3.75
CA ASN C 189 29.33 11.30 3.91
C ASN C 189 29.22 10.51 5.22
N VAL C 190 29.47 9.20 5.14
CA VAL C 190 29.44 8.29 6.33
C VAL C 190 30.85 7.77 6.55
N VAL C 191 31.42 8.08 7.72
CA VAL C 191 32.81 7.76 8.12
C VAL C 191 32.75 6.69 9.22
N CYS C 192 33.33 5.53 8.93
CA CYS C 192 33.55 4.44 9.89
C CYS C 192 35.05 4.14 9.99
N LYS C 193 35.61 3.98 11.18
CA LYS C 193 37.08 3.85 11.39
C LYS C 193 37.54 2.48 10.88
N THR C 194 36.66 1.48 10.85
CA THR C 194 36.91 0.11 10.31
C THR C 194 36.63 0.11 8.80
N CYS C 195 35.44 0.55 8.38
CA CYS C 195 34.85 0.31 7.02
C CYS C 195 35.23 1.43 6.04
N GLY C 196 35.67 2.58 6.52
CA GLY C 196 36.13 3.71 5.67
C GLY C 196 34.99 4.68 5.38
N GLN C 197 35.15 5.48 4.32
CA GLN C 197 34.20 6.55 3.91
C GLN C 197 33.27 6.01 2.82
N GLN C 198 32.04 6.53 2.79
CA GLN C 198 31.00 6.21 1.78
C GLN C 198 30.14 7.47 1.65
N GLN C 199 30.11 8.05 0.47
CA GLN C 199 29.27 9.22 0.13
C GLN C 199 27.98 8.71 -0.52
N THR C 200 26.86 9.39 -0.29
CA THR C 200 25.56 9.05 -0.88
C THR C 200 24.92 10.35 -1.36
N THR C 201 24.39 10.35 -2.58
CA THR C 201 23.62 11.47 -3.16
C THR C 201 22.15 11.06 -3.22
N LEU C 202 21.25 11.89 -2.63
CA LEU C 202 19.78 11.67 -2.56
C LEU C 202 19.10 12.80 -3.31
N LYS C 203 17.90 12.54 -3.84
CA LYS C 203 17.13 13.47 -4.70
C LYS C 203 15.68 13.50 -4.24
N GLY C 204 14.96 14.56 -4.61
CA GLY C 204 13.53 14.68 -4.31
C GLY C 204 13.25 14.60 -2.82
N VAL C 205 12.22 13.85 -2.43
CA VAL C 205 11.73 13.83 -1.02
C VAL C 205 12.86 13.34 -0.10
N GLU C 206 13.62 12.34 -0.54
CA GLU C 206 14.75 11.77 0.25
C GLU C 206 15.78 12.88 0.48
N ALA C 207 15.82 13.96 -0.31
CA ALA C 207 16.83 15.04 -0.17
C ALA C 207 16.36 16.10 0.86
N VAL C 208 15.08 16.13 1.21
CA VAL C 208 14.54 17.18 2.13
C VAL C 208 14.09 16.60 3.46
N MET C 209 13.94 15.28 3.60
CA MET C 209 13.46 14.65 4.85
C MET C 209 14.58 13.82 5.47
N TYR C 210 14.73 13.92 6.77
CA TYR C 210 15.67 13.08 7.55
C TYR C 210 14.98 12.72 8.86
N MET C 211 15.10 11.45 9.25
CA MET C 211 14.54 10.88 10.49
C MET C 211 15.73 10.53 11.41
N GLY C 212 15.88 11.17 12.55
CA GLY C 212 16.95 10.80 13.49
C GLY C 212 17.37 11.92 14.42
N THR C 213 17.32 13.15 13.95
CA THR C 213 17.66 14.36 14.74
C THR C 213 16.79 15.51 14.26
N LEU C 214 16.40 16.40 15.17
CA LEU C 214 15.65 17.64 14.84
C LEU C 214 16.63 18.73 14.44
N SER C 215 17.92 18.58 14.78
CA SER C 215 18.93 19.65 14.66
C SER C 215 19.62 19.60 13.28
N TYR C 216 19.43 20.65 12.47
CA TYR C 216 20.13 20.84 11.17
C TYR C 216 21.64 21.00 11.41
N GLU C 217 22.03 21.77 12.43
CA GLU C 217 23.45 21.93 12.85
C GLU C 217 24.08 20.58 13.17
N GLN C 218 23.41 19.74 13.95
CA GLN C 218 23.99 18.44 14.39
C GLN C 218 24.23 17.60 13.12
N PHE C 219 23.30 17.69 12.17
CA PHE C 219 23.36 16.96 10.88
C PHE C 219 24.64 17.37 10.13
N LYS C 220 24.99 18.66 10.16
CA LYS C 220 26.21 19.22 9.50
C LYS C 220 27.46 18.77 10.25
N LYS C 221 27.40 18.72 11.58
CA LYS C 221 28.60 18.40 12.40
C LYS C 221 28.83 16.90 12.44
N GLY C 222 27.76 16.09 12.33
CA GLY C 222 27.86 14.63 12.38
C GLY C 222 26.90 14.02 13.38
N VAL C 223 26.16 12.99 12.96
CA VAL C 223 25.26 12.17 13.82
C VAL C 223 25.80 10.75 13.77
N GLN C 224 25.91 10.12 14.94
CA GLN C 224 26.40 8.72 15.07
C GLN C 224 25.26 7.77 14.72
N ILE C 225 25.55 6.78 13.90
CA ILE C 225 24.56 5.74 13.50
C ILE C 225 25.27 4.40 13.49
N PRO C 226 24.52 3.28 13.64
CA PRO C 226 25.10 1.94 13.54
C PRO C 226 25.59 1.68 12.12
N CYS C 227 26.75 1.06 12.03
CA CYS C 227 27.39 0.49 10.82
C CYS C 227 27.35 -1.03 10.91
N THR C 228 27.40 -1.70 9.76
CA THR C 228 27.28 -3.17 9.61
C THR C 228 28.51 -3.88 10.19
N CYS C 229 29.62 -3.19 10.47
CA CYS C 229 30.79 -3.81 11.17
C CYS C 229 30.45 -4.07 12.64
N GLY C 230 29.39 -3.44 13.17
CA GLY C 230 28.92 -3.59 14.56
C GLY C 230 29.27 -2.38 15.43
N LYS C 231 30.04 -1.43 14.89
CA LYS C 231 30.42 -0.17 15.58
C LYS C 231 29.51 1.00 15.15
N GLN C 232 29.63 2.14 15.83
CA GLN C 232 29.00 3.41 15.44
C GLN C 232 29.90 4.10 14.41
N ALA C 233 29.31 4.53 13.30
CA ALA C 233 29.90 5.41 12.27
C ALA C 233 29.30 6.81 12.46
N THR C 234 29.82 7.79 11.73
CA THR C 234 29.35 9.19 11.77
C THR C 234 28.91 9.60 10.36
N LYS C 235 27.69 10.12 10.26
CA LYS C 235 27.09 10.61 8.99
C LYS C 235 27.00 12.13 9.08
N TYR C 236 27.42 12.84 8.05
CA TYR C 236 27.28 14.31 8.05
C TYR C 236 26.87 14.83 6.67
N LEU C 237 26.19 15.97 6.68
CA LEU C 237 25.71 16.67 5.48
C LEU C 237 26.88 17.39 4.82
N VAL C 238 27.23 16.95 3.63
CA VAL C 238 28.28 17.54 2.75
C VAL C 238 27.68 18.69 1.94
N GLN C 239 26.51 18.48 1.33
CA GLN C 239 25.95 19.46 0.37
C GLN C 239 24.43 19.38 0.39
N GLN C 240 23.76 20.52 0.47
CA GLN C 240 22.27 20.65 0.44
C GLN C 240 21.88 21.70 -0.61
N GLU C 241 21.05 21.28 -1.57
CA GLU C 241 20.41 22.14 -2.61
C GLU C 241 18.90 21.95 -2.47
N SER C 242 18.24 22.86 -1.76
CA SER C 242 16.77 22.81 -1.57
C SER C 242 16.32 24.09 -0.92
N PRO C 243 15.07 24.52 -1.19
CA PRO C 243 14.53 25.74 -0.56
C PRO C 243 14.22 25.56 0.94
N PHE C 244 14.10 24.32 1.45
CA PHE C 244 13.92 24.02 2.90
C PHE C 244 14.45 22.62 3.22
N VAL C 245 14.62 22.31 4.51
CA VAL C 245 14.77 20.90 4.98
C VAL C 245 13.81 20.65 6.14
N MET C 246 13.45 19.38 6.29
CA MET C 246 12.58 18.85 7.35
C MET C 246 13.38 17.81 8.12
N MET C 247 13.61 18.09 9.40
CA MET C 247 14.33 17.22 10.36
C MET C 247 13.29 16.70 11.35
N SER C 248 13.17 15.38 11.47
CA SER C 248 12.11 14.72 12.27
C SER C 248 12.77 13.76 13.25
N ALA C 249 12.10 13.44 14.34
CA ALA C 249 12.60 12.45 15.32
C ALA C 249 11.41 12.01 16.15
N PRO C 250 11.51 10.86 16.83
CA PRO C 250 10.49 10.47 17.80
C PRO C 250 10.35 11.64 18.77
N PRO C 251 9.13 12.02 19.19
CA PRO C 251 8.93 13.18 20.06
C PRO C 251 9.74 13.06 21.35
N ALA C 252 10.46 14.13 21.68
CA ALA C 252 11.36 14.19 22.83
C ALA C 252 11.48 15.67 23.21
N GLN C 253 11.75 15.92 24.49
CA GLN C 253 11.87 17.28 25.06
C GLN C 253 13.01 17.96 24.32
N TYR C 254 12.76 19.14 23.79
CA TYR C 254 13.69 19.84 22.87
C TYR C 254 13.49 21.34 23.03
N GLU C 255 14.58 22.11 22.99
CA GLU C 255 14.53 23.59 23.09
C GLU C 255 14.65 24.20 21.69
N LEU C 256 13.60 24.88 21.25
CA LEU C 256 13.57 25.69 20.01
C LEU C 256 14.09 27.08 20.36
N LYS C 257 15.19 27.51 19.75
CA LYS C 257 15.80 28.85 19.98
C LYS C 257 15.36 29.81 18.86
N HIS C 258 14.73 30.91 19.25
CA HIS C 258 14.27 31.98 18.31
C HIS C 258 15.36 32.22 17.26
N GLY C 259 14.98 32.30 15.98
CA GLY C 259 15.87 32.74 14.88
C GLY C 259 16.76 31.64 14.35
N THR C 260 16.65 30.40 14.81
CA THR C 260 17.52 29.25 14.39
C THR C 260 16.78 28.27 13.47
N PHE C 261 15.47 28.43 13.31
CA PHE C 261 14.60 27.51 12.53
C PHE C 261 13.41 28.31 11.99
N THR C 262 12.68 27.76 11.03
CA THR C 262 11.50 28.42 10.45
C THR C 262 10.29 28.12 11.33
N CYS C 263 9.98 26.84 11.49
CA CYS C 263 8.80 26.40 12.27
C CYS C 263 8.93 24.92 12.61
N ALA C 264 8.04 24.45 13.47
CA ALA C 264 8.14 23.13 14.12
C ALA C 264 6.76 22.63 14.51
N SER C 265 6.68 21.31 14.70
CA SER C 265 5.53 20.55 15.18
C SER C 265 5.86 19.97 16.55
N GLU C 266 5.03 20.28 17.55
CA GLU C 266 5.06 19.68 18.90
C GLU C 266 3.97 18.60 18.96
N TYR C 267 4.28 17.46 19.57
CA TYR C 267 3.34 16.35 19.82
C TYR C 267 3.40 15.95 21.30
N THR C 268 2.33 16.25 22.01
CA THR C 268 2.07 15.78 23.39
C THR C 268 1.12 14.58 23.34
N GLY C 269 1.40 13.55 24.14
CA GLY C 269 0.52 12.38 24.30
C GLY C 269 1.32 11.10 24.18
N ASN C 270 0.81 10.13 23.44
CA ASN C 270 1.38 8.76 23.41
C ASN C 270 1.32 8.26 21.97
N TYR C 271 1.75 7.02 21.73
CA TYR C 271 1.88 6.42 20.38
C TYR C 271 0.54 6.51 19.65
N GLN C 272 -0.57 6.29 20.35
CA GLN C 272 -1.89 5.97 19.76
C GLN C 272 -2.77 7.22 19.69
N CYS C 273 -2.56 8.20 20.56
CA CYS C 273 -3.29 9.50 20.50
C CYS C 273 -2.51 10.59 21.24
N GLY C 274 -2.78 11.82 20.86
CA GLY C 274 -2.08 13.02 21.34
C GLY C 274 -2.51 14.23 20.55
N HIS C 275 -1.81 15.33 20.75
CA HIS C 275 -2.20 16.67 20.25
C HIS C 275 -0.95 17.32 19.66
N TYR C 276 -1.07 17.82 18.43
CA TYR C 276 -0.04 18.64 17.76
C TYR C 276 -0.29 20.12 18.08
N LYS C 277 0.80 20.87 18.17
CA LYS C 277 0.80 22.34 18.14
C LYS C 277 1.90 22.78 17.18
N HIS C 278 1.80 24.02 16.69
CA HIS C 278 2.73 24.62 15.71
C HIS C 278 3.55 25.71 16.40
N ILE C 279 4.87 25.68 16.25
CA ILE C 279 5.74 26.78 16.76
C ILE C 279 6.42 27.43 15.55
N THR C 280 6.35 28.76 15.49
CA THR C 280 6.92 29.58 14.39
C THR C 280 7.85 30.64 15.00
N SER C 281 8.99 30.91 14.34
CA SER C 281 9.99 31.91 14.78
C SER C 281 9.83 33.17 13.90
N LYS C 282 9.23 34.22 14.45
CA LYS C 282 9.15 35.58 13.84
C LYS C 282 10.06 36.50 14.67
N GLU C 283 9.56 37.67 15.08
CA GLU C 283 10.29 38.59 15.98
C GLU C 283 10.36 37.97 17.38
N THR C 284 9.48 37.02 17.69
CA THR C 284 9.58 36.11 18.87
C THR C 284 8.94 34.77 18.50
N LEU C 285 9.03 33.78 19.40
CA LEU C 285 8.45 32.42 19.20
C LEU C 285 6.93 32.47 19.45
N TYR C 286 6.15 32.13 18.42
CA TYR C 286 4.67 32.04 18.49
C TYR C 286 4.27 30.55 18.46
N CYS C 287 3.50 30.12 19.46
CA CYS C 287 2.82 28.79 19.50
C CYS C 287 1.40 28.98 18.99
N ILE C 288 1.06 28.33 17.86
CA ILE C 288 -0.29 28.35 17.24
C ILE C 288 -0.93 26.98 17.47
N ASP C 289 -2.07 26.96 18.17
CA ASP C 289 -2.79 25.73 18.56
C ASP C 289 -4.20 25.83 18.00
N GLY C 290 -4.35 25.54 16.70
CA GLY C 290 -5.57 25.82 15.93
C GLY C 290 -5.87 27.30 15.93
N ALA C 291 -6.90 27.73 16.67
CA ALA C 291 -7.35 29.13 16.75
C ALA C 291 -6.59 29.87 17.85
N LEU C 292 -5.97 29.16 18.80
CA LEU C 292 -5.32 29.74 20.02
C LEU C 292 -3.88 30.15 19.69
N LEU C 293 -3.45 31.30 20.22
CA LEU C 293 -2.09 31.87 20.02
C LEU C 293 -1.49 32.24 21.37
N THR C 294 -0.29 31.77 21.65
CA THR C 294 0.55 32.26 22.76
C THR C 294 1.92 32.59 22.18
N LYS C 295 2.66 33.49 22.82
CA LYS C 295 4.02 33.86 22.39
C LYS C 295 4.95 33.81 23.61
N SER C 296 6.21 33.48 23.36
CA SER C 296 7.29 33.46 24.37
C SER C 296 8.62 33.69 23.65
N SER C 297 9.65 34.01 24.41
CA SER C 297 11.01 34.35 23.90
C SER C 297 11.79 33.06 23.69
N GLU C 298 11.49 32.01 24.46
CA GLU C 298 12.07 30.65 24.29
C GLU C 298 10.95 29.62 24.44
N TYR C 299 11.22 28.37 24.04
CA TYR C 299 10.25 27.25 24.00
C TYR C 299 10.95 25.92 24.23
N LYS C 300 10.43 25.14 25.18
CA LYS C 300 10.77 23.72 25.37
C LYS C 300 9.48 22.90 25.26
N GLY C 301 9.52 21.75 24.60
CA GLY C 301 8.36 20.86 24.45
C GLY C 301 8.72 19.62 23.67
N PRO C 302 7.79 18.62 23.58
CA PRO C 302 8.05 17.40 22.82
C PRO C 302 7.92 17.67 21.30
N ILE C 303 9.04 17.92 20.62
CA ILE C 303 9.07 18.29 19.18
C ILE C 303 9.33 17.02 18.38
N THR C 304 8.63 16.85 17.24
CA THR C 304 8.79 15.74 16.28
C THR C 304 9.40 16.21 14.96
N ASP C 305 9.09 17.43 14.53
CA ASP C 305 9.47 17.95 13.19
C ASP C 305 9.94 19.40 13.32
N VAL C 306 11.04 19.72 12.67
CA VAL C 306 11.57 21.13 12.58
C VAL C 306 11.94 21.38 11.11
N PHE C 307 11.45 22.49 10.59
CA PHE C 307 11.65 22.97 9.20
C PHE C 307 12.62 24.13 9.24
N TYR C 308 13.65 24.06 8.40
CA TYR C 308 14.69 25.11 8.27
C TYR C 308 14.66 25.60 6.83
N LYS C 309 14.80 26.91 6.66
CA LYS C 309 14.98 27.53 5.34
C LYS C 309 16.39 27.15 4.85
N GLU C 310 16.56 27.07 3.53
CA GLU C 310 17.83 26.71 2.87
C GLU C 310 17.79 27.26 1.43
N ASN C 311 18.96 27.35 0.84
CA ASN C 311 19.13 27.65 -0.60
CA ASN C 311 19.18 27.70 -0.58
C ASN C 311 20.22 26.69 -1.10
N SER C 312 21.46 26.89 -0.67
CA SER C 312 22.67 26.15 -1.09
C SER C 312 23.63 26.12 0.10
N TYR C 313 23.97 24.93 0.59
CA TYR C 313 24.99 24.73 1.66
C TYR C 313 26.08 23.78 1.14
N THR C 314 27.33 24.10 1.50
CA THR C 314 28.54 23.26 1.31
C THR C 314 29.32 23.21 2.63
N THR C 315 29.70 22.00 3.05
CA THR C 315 30.51 21.76 4.28
C THR C 315 31.88 22.41 4.12
N THR C 316 32.47 22.87 5.23
CA THR C 316 33.88 23.31 5.32
C THR C 316 34.76 22.18 5.87
N ILE C 317 34.16 21.13 6.46
CA ILE C 317 34.84 19.90 6.98
C ILE C 317 35.76 19.33 5.89
#